data_5WGX
#
_entry.id   5WGX
#
_cell.length_a   79.231
_cell.length_b   120.435
_cell.length_c   170.244
_cell.angle_alpha   90.000
_cell.angle_beta   90.000
_cell.angle_gamma   90.000
#
_symmetry.space_group_name_H-M   'I 2 2 2'
#
loop_
_entity.id
_entity.type
_entity.pdbx_description
1 polymer 'Flavin-dependent halogenase'
2 non-polymer 'FLAVIN-ADENINE DINUCLEOTIDE'
3 non-polymer 'CADMIUM ION'
4 non-polymer 'ZINC ION'
5 non-polymer 'SULFATE ION'
6 non-polymer 'CHLORIDE ION'
7 non-polymer (5aS,12aS,13aS)-9-chloro-12,12-dimethyl-2,3,11,12,12a,13-hexahydro-1H,5H,6H-5a,13a-(epiminomethano)indolizino[7,6-b]carbazol-14-one
8 water water
#
_entity_poly.entity_id   1
_entity_poly.type   'polypeptide(L)'
_entity_poly.pdbx_seq_one_letter_code
;MAPTPKYTFTERAAAGNLSDAEILNSNNPTGSELPDESDVVVGGAGIHGLIYALHASKYKPNNLKISVIEKNTRPGYKIG
ESTLPIFYTWCKLHGISAAYLLRLFGLKDGLCFYFLDRENQGQYTDFCSVGAPGLVLASLQIERPMSELLFTILAQRNGV
NVYHGREVDFKSTVVQGGGQGNKIAVSRGKYDSTPKTIDSALFVDATGRFRQFCSKKAPRHRFDGWNCNAFWGYFTAPKD
ESKIPFDLYEGDATNHLCFPEGWVWVIRLPSWEGSPIANLMDMVTYILECADAGVPGDELPSSEELARMFGLKFQWVTSI
GFAVRNDVKYPEDLSAYGTREAEQKFNYFVQKYELLQQFMSNFELIENLYGPGTTWFIRKTLAYQSPVVSGPGWLAIGDA
CGFTNPLYSPGINVGMSTSTWAAQLSHPIVEIGKSAPADAAESSIRKLLVPYDDYCKSLVPALEQMNRFNYVCYRDTRLG
PQVACLWQFFAGIERYLSDVNIETFAHYAIKWVWGAMVPEYQQVAQKCIEHIETVPLDERLPDAMVDELLAFSNRIKSAA
VAADDFSLRWDAILRSFDRSLNFVEGKTSRDIYTRQCSGCGAWLQLRPDWKKCHSCGLLGTEPQTAVTFDPPLTAEEEAL
LYAAWNTAPKYDPSKELKLPTPTRPAA
;
_entity_poly.pdbx_strand_id   A
#
loop_
_chem_comp.id
_chem_comp.type
_chem_comp.name
_chem_comp.formula
CD non-polymer 'CADMIUM ION' 'Cd 2'
CL non-polymer 'CHLORIDE ION' 'Cl -1'
FAD non-polymer 'FLAVIN-ADENINE DINUCLEOTIDE' 'C27 H33 N9 O15 P2'
MB5 non-polymer (5aS,12aS,13aS)-9-chloro-12,12-dimethyl-2,3,11,12,12a,13-hexahydro-1H,5H,6H-5a,13a-(epiminomethano)indolizino[7,6-b]carbazol-14-one 'C21 H24 Cl N3 O'
SO4 non-polymer 'SULFATE ION' 'O4 S -2'
ZN non-polymer 'ZINC ION' 'Zn 2'
#
# COMPACT_ATOMS: atom_id res chain seq x y z
N PRO A 3 -3.24 11.82 -28.16
CA PRO A 3 -4.48 12.50 -27.78
C PRO A 3 -4.26 13.97 -27.45
N THR A 4 -5.11 14.83 -27.98
CA THR A 4 -5.06 16.24 -27.62
C THR A 4 -5.68 16.43 -26.23
N PRO A 5 -5.01 17.13 -25.33
CA PRO A 5 -5.55 17.29 -23.98
C PRO A 5 -6.84 18.10 -23.98
N LYS A 6 -7.80 17.66 -23.18
CA LYS A 6 -9.06 18.37 -23.01
C LYS A 6 -9.16 18.93 -21.60
N TYR A 7 -9.85 20.07 -21.49
CA TYR A 7 -10.01 20.79 -20.23
C TYR A 7 -11.48 20.82 -19.82
N THR A 8 -12.15 19.68 -20.03
CA THR A 8 -13.58 19.55 -19.82
C THR A 8 -13.98 19.98 -18.41
N PHE A 9 -13.34 19.41 -17.39
CA PHE A 9 -13.78 19.64 -16.02
C PHE A 9 -13.39 21.02 -15.51
N THR A 10 -12.19 21.49 -15.87
CA THR A 10 -11.79 22.84 -15.49
C THR A 10 -12.80 23.87 -15.98
N GLU A 11 -13.21 23.75 -17.24
CA GLU A 11 -14.15 24.70 -17.82
C GLU A 11 -15.56 24.51 -17.27
N ARG A 12 -15.98 23.26 -17.05
CA ARG A 12 -17.30 23.01 -16.47
C ARG A 12 -17.39 23.59 -15.06
N ALA A 13 -16.36 23.39 -14.24
CA ALA A 13 -16.35 23.98 -12.90
C ALA A 13 -16.44 25.49 -12.97
N ALA A 14 -15.69 26.11 -13.87
CA ALA A 14 -15.69 27.56 -13.97
C ALA A 14 -17.02 28.09 -14.49
N ALA A 15 -17.57 27.44 -15.52
CA ALA A 15 -18.82 27.93 -16.11
C ALA A 15 -19.98 27.82 -15.14
N GLY A 16 -20.02 26.76 -14.35
CA GLY A 16 -21.08 26.56 -13.39
C GLY A 16 -20.76 26.97 -11.98
N ASN A 17 -19.55 27.48 -11.72
CA ASN A 17 -19.12 27.87 -10.39
C ASN A 17 -19.31 26.72 -9.39
N LEU A 18 -18.85 25.53 -9.78
CA LEU A 18 -19.15 24.31 -9.05
C LEU A 18 -18.20 24.10 -7.89
N SER A 19 -18.75 23.61 -6.78
CA SER A 19 -17.92 23.21 -5.65
C SER A 19 -17.08 21.99 -6.02
N ASP A 20 -16.17 21.62 -5.11
CA ASP A 20 -15.29 20.49 -5.35
C ASP A 20 -16.08 19.20 -5.53
N ALA A 21 -17.07 18.97 -4.65
CA ALA A 21 -17.84 17.74 -4.76
C ALA A 21 -18.72 17.73 -6.00
N GLU A 22 -19.21 18.89 -6.43
CA GLU A 22 -20.12 18.92 -7.56
C GLU A 22 -19.39 18.66 -8.87
N ILE A 23 -18.16 19.16 -9.03
CA ILE A 23 -17.45 18.88 -10.27
C ILE A 23 -17.04 17.40 -10.34
N LEU A 24 -16.63 16.83 -9.21
CA LEU A 24 -16.33 15.40 -9.16
C LEU A 24 -17.57 14.57 -9.49
N ASN A 25 -18.68 14.83 -8.80
CA ASN A 25 -19.87 14.02 -8.99
C ASN A 25 -20.48 14.20 -10.38
N SER A 26 -20.16 15.28 -11.08
CA SER A 26 -20.67 15.49 -12.43
C SER A 26 -20.12 14.49 -13.43
N ASN A 27 -19.05 13.78 -13.08
CA ASN A 27 -18.47 12.78 -13.97
C ASN A 27 -19.09 11.39 -13.78
N ASN A 28 -20.16 11.29 -13.00
CA ASN A 28 -20.74 9.97 -12.76
C ASN A 28 -21.57 9.51 -13.95
N PRO A 29 -21.52 8.21 -14.28
CA PRO A 29 -22.35 7.71 -15.39
C PRO A 29 -23.84 7.92 -15.17
N THR A 30 -24.34 7.69 -13.95
CA THR A 30 -25.77 7.82 -13.69
C THR A 30 -26.18 9.27 -13.56
N GLY A 31 -25.35 10.09 -12.93
CA GLY A 31 -25.67 11.49 -12.74
C GLY A 31 -25.03 12.01 -11.47
N SER A 32 -25.11 13.33 -11.32
CA SER A 32 -24.50 13.99 -10.16
C SER A 32 -25.29 13.78 -8.88
N GLU A 33 -26.56 13.42 -8.98
CA GLU A 33 -27.40 13.13 -7.81
C GLU A 33 -27.45 11.63 -7.55
N LEU A 34 -27.80 11.28 -6.31
CA LEU A 34 -27.82 9.89 -5.90
C LEU A 34 -28.91 9.12 -6.64
N PRO A 35 -28.67 7.85 -6.97
CA PRO A 35 -29.73 7.02 -7.53
C PRO A 35 -30.69 6.59 -6.44
N ASP A 36 -31.94 6.34 -6.85
CA ASP A 36 -32.91 5.76 -5.93
C ASP A 36 -32.56 4.33 -5.56
N GLU A 37 -31.82 3.64 -6.41
CA GLU A 37 -31.62 2.20 -6.27
C GLU A 37 -30.24 1.83 -6.80
N SER A 38 -29.63 0.85 -6.15
CA SER A 38 -28.34 0.33 -6.57
C SER A 38 -28.26 -1.13 -6.11
N ASP A 39 -27.40 -1.91 -6.76
CA ASP A 39 -27.18 -3.27 -6.26
C ASP A 39 -26.27 -3.23 -5.03
N VAL A 40 -25.15 -2.52 -5.13
CA VAL A 40 -24.18 -2.41 -4.05
C VAL A 40 -24.02 -0.93 -3.69
N VAL A 41 -24.01 -0.64 -2.40
CA VAL A 41 -23.62 0.68 -1.91
C VAL A 41 -22.38 0.48 -1.03
N VAL A 42 -21.33 1.22 -1.35
CA VAL A 42 -20.06 1.14 -0.64
C VAL A 42 -19.94 2.38 0.22
N GLY A 43 -19.81 2.19 1.53
CA GLY A 43 -19.57 3.31 2.42
C GLY A 43 -18.07 3.60 2.49
N GLY A 44 -17.64 4.70 1.89
CA GLY A 44 -16.25 5.10 1.92
C GLY A 44 -15.54 4.95 0.59
N ALA A 45 -14.93 6.03 0.09
CA ALA A 45 -14.10 5.94 -1.10
C ALA A 45 -12.64 6.16 -0.75
N GLY A 46 -12.17 5.48 0.30
CA GLY A 46 -10.75 5.31 0.48
C GLY A 46 -10.23 4.38 -0.60
N ILE A 47 -8.97 3.98 -0.44
CA ILE A 47 -8.35 3.16 -1.47
C ILE A 47 -9.07 1.81 -1.60
N HIS A 48 -9.55 1.25 -0.49
CA HIS A 48 -10.16 -0.07 -0.57
C HIS A 48 -11.59 -0.04 -1.08
N GLY A 49 -12.37 0.97 -0.71
CA GLY A 49 -13.68 1.13 -1.32
C GLY A 49 -13.60 1.20 -2.83
N LEU A 50 -12.58 1.89 -3.34
CA LEU A 50 -12.43 2.07 -4.78
C LEU A 50 -11.82 0.85 -5.45
N ILE A 51 -10.83 0.22 -4.81
CA ILE A 51 -10.31 -1.06 -5.31
C ILE A 51 -11.45 -2.08 -5.43
N TYR A 52 -12.29 -2.14 -4.40
CA TYR A 52 -13.45 -3.05 -4.43
C TYR A 52 -14.33 -2.76 -5.64
N ALA A 53 -14.74 -1.50 -5.81
CA ALA A 53 -15.67 -1.17 -6.88
C ALA A 53 -15.06 -1.42 -8.25
N LEU A 54 -13.78 -1.07 -8.40
CA LEU A 54 -13.09 -1.31 -9.67
C LEU A 54 -12.98 -2.79 -9.96
N HIS A 55 -12.59 -3.59 -8.97
CA HIS A 55 -12.39 -5.02 -9.22
C HIS A 55 -13.72 -5.73 -9.45
N ALA A 56 -14.78 -5.35 -8.72
CA ALA A 56 -16.09 -5.95 -8.95
C ALA A 56 -16.58 -5.66 -10.36
N SER A 57 -16.41 -4.43 -10.82
CA SER A 57 -16.85 -4.05 -12.16
C SER A 57 -16.00 -4.73 -13.23
N LYS A 58 -14.69 -4.81 -13.02
CA LYS A 58 -13.80 -5.41 -14.01
C LYS A 58 -13.97 -6.92 -14.06
N TYR A 59 -14.17 -7.56 -12.89
CA TYR A 59 -14.29 -9.01 -12.86
C TYR A 59 -15.48 -9.49 -13.68
N LYS A 60 -16.58 -8.73 -13.69
CA LYS A 60 -17.78 -9.12 -14.43
C LYS A 60 -18.56 -7.86 -14.75
N PRO A 61 -18.31 -7.25 -15.91
CA PRO A 61 -18.89 -5.94 -16.20
C PRO A 61 -20.39 -6.02 -16.46
N ASN A 62 -21.05 -4.88 -16.26
CA ASN A 62 -22.46 -4.70 -16.60
C ASN A 62 -23.37 -5.65 -15.84
N ASN A 63 -22.95 -6.07 -14.65
CA ASN A 63 -23.75 -6.96 -13.82
C ASN A 63 -24.29 -6.30 -12.56
N LEU A 64 -23.47 -5.49 -11.89
CA LEU A 64 -23.86 -4.82 -10.66
C LEU A 64 -23.86 -3.31 -10.85
N LYS A 65 -24.93 -2.66 -10.41
CA LYS A 65 -24.91 -1.21 -10.24
C LYS A 65 -24.28 -0.89 -8.88
N ILE A 66 -23.22 -0.09 -8.89
CA ILE A 66 -22.42 0.16 -7.70
C ILE A 66 -22.34 1.67 -7.48
N SER A 67 -22.67 2.10 -6.27
CA SER A 67 -22.49 3.49 -5.85
C SER A 67 -21.58 3.53 -4.63
N VAL A 68 -20.55 4.37 -4.68
CA VAL A 68 -19.62 4.56 -3.58
C VAL A 68 -19.91 5.92 -2.96
N ILE A 69 -19.99 5.96 -1.63
CA ILE A 69 -20.38 7.15 -0.89
C ILE A 69 -19.18 7.59 -0.04
N GLU A 70 -18.70 8.82 -0.25
CA GLU A 70 -17.51 9.33 0.44
C GLU A 70 -17.80 10.67 1.09
N LYS A 71 -17.51 10.76 2.38
CA LYS A 71 -17.80 11.97 3.16
C LYS A 71 -16.93 13.15 2.70
N ASN A 72 -15.68 12.90 2.33
CA ASN A 72 -14.79 13.98 1.93
C ASN A 72 -15.32 14.67 0.67
N THR A 73 -15.17 16.00 0.61
CA THR A 73 -15.64 16.76 -0.55
C THR A 73 -14.78 16.52 -1.78
N ARG A 74 -13.52 16.14 -1.58
CA ARG A 74 -12.62 15.67 -2.61
C ARG A 74 -11.72 14.62 -1.97
N PRO A 75 -11.07 13.76 -2.76
CA PRO A 75 -10.17 12.76 -2.17
C PRO A 75 -9.27 13.35 -1.10
N GLY A 76 -9.39 12.85 0.14
CA GLY A 76 -8.72 13.46 1.27
C GLY A 76 -7.36 12.84 1.58
N TYR A 77 -6.62 13.53 2.44
CA TYR A 77 -5.33 13.05 2.88
C TYR A 77 -5.47 11.72 3.62
N LYS A 78 -4.54 10.81 3.35
CA LYS A 78 -4.43 9.56 4.09
C LYS A 78 -2.95 9.26 4.26
N ILE A 79 -2.59 8.77 5.44
CA ILE A 79 -1.29 8.13 5.59
C ILE A 79 -1.37 6.75 4.96
N GLY A 80 -0.24 6.23 4.51
CA GLY A 80 -0.24 4.95 3.82
C GLY A 80 0.11 5.09 2.35
N GLU A 81 1.40 5.23 2.06
CA GLU A 81 1.87 5.67 0.76
C GLU A 81 2.68 4.63 0.00
N SER A 82 3.21 3.60 0.66
CA SER A 82 4.08 2.64 0.01
C SER A 82 3.27 1.46 -0.50
N THR A 83 3.50 1.08 -1.76
CA THR A 83 2.80 -0.04 -2.37
C THR A 83 3.82 -1.03 -2.94
N LEU A 84 3.34 -2.21 -3.29
CA LEU A 84 4.15 -3.39 -3.54
C LEU A 84 3.83 -3.98 -4.90
N PRO A 85 4.62 -4.95 -5.37
CA PRO A 85 4.37 -5.52 -6.71
C PRO A 85 2.96 -6.02 -6.96
N ILE A 86 2.28 -6.57 -5.95
CA ILE A 86 0.93 -7.08 -6.19
C ILE A 86 -0.02 -5.92 -6.49
N PHE A 87 0.26 -4.75 -5.94
CA PHE A 87 -0.59 -3.59 -6.19
C PHE A 87 -0.37 -3.06 -7.62
N TYR A 88 0.90 -2.91 -8.02
CA TYR A 88 1.17 -2.52 -9.40
C TYR A 88 0.58 -3.50 -10.39
N THR A 89 0.76 -4.80 -10.12
CA THR A 89 0.18 -5.83 -10.98
C THR A 89 -1.32 -5.63 -11.11
N TRP A 90 -2.00 -5.32 -10.00
CA TRP A 90 -3.43 -5.05 -10.04
C TRP A 90 -3.73 -3.86 -10.95
N CYS A 91 -2.96 -2.76 -10.78
CA CYS A 91 -3.14 -1.59 -11.64
C CYS A 91 -2.94 -1.92 -13.10
N LYS A 92 -1.89 -2.68 -13.41
CA LYS A 92 -1.61 -3.07 -14.79
C LYS A 92 -2.72 -3.96 -15.33
N LEU A 93 -3.19 -4.92 -14.53
CA LEU A 93 -4.33 -5.74 -14.94
C LEU A 93 -5.56 -4.90 -15.21
N HIS A 94 -5.71 -3.78 -14.50
CA HIS A 94 -6.80 -2.86 -14.75
C HIS A 94 -6.46 -1.79 -15.79
N GLY A 95 -5.37 -1.99 -16.56
CA GLY A 95 -5.12 -1.19 -17.74
C GLY A 95 -4.27 0.05 -17.55
N ILE A 96 -3.52 0.18 -16.46
CA ILE A 96 -2.65 1.33 -16.22
C ILE A 96 -1.28 0.79 -15.83
N SER A 97 -0.31 0.91 -16.73
CA SER A 97 1.03 0.39 -16.50
C SER A 97 1.96 1.51 -16.02
N ALA A 98 3.26 1.19 -15.91
CA ALA A 98 4.19 2.03 -15.15
C ALA A 98 4.40 3.39 -15.80
N ALA A 99 4.46 3.45 -17.14
CA ALA A 99 4.74 4.73 -17.81
C ALA A 99 3.73 5.80 -17.43
N TYR A 100 2.49 5.40 -17.18
CA TYR A 100 1.42 6.32 -16.83
C TYR A 100 1.35 6.58 -15.34
N LEU A 101 1.52 5.53 -14.53
CA LEU A 101 1.50 5.68 -13.08
C LEU A 101 2.65 6.53 -12.57
N LEU A 102 3.81 6.46 -13.24
CA LEU A 102 4.97 7.21 -12.77
C LEU A 102 4.84 8.70 -13.02
N ARG A 103 3.89 9.13 -13.87
CA ARG A 103 3.60 10.55 -13.99
C ARG A 103 2.93 11.08 -12.73
N LEU A 104 2.21 10.22 -12.02
CA LEU A 104 1.44 10.60 -10.85
C LEU A 104 2.16 10.30 -9.54
N PHE A 105 2.93 9.22 -9.50
CA PHE A 105 3.43 8.67 -8.26
C PHE A 105 4.95 8.51 -8.32
N GLY A 106 5.55 8.32 -7.15
CA GLY A 106 6.99 8.16 -7.09
C GLY A 106 7.41 6.72 -7.38
N LEU A 107 8.55 6.58 -8.03
CA LEU A 107 9.11 5.26 -8.26
C LEU A 107 9.61 4.67 -6.94
N LYS A 108 9.32 3.39 -6.74
CA LYS A 108 9.82 2.65 -5.59
C LYS A 108 10.69 1.50 -6.08
N ASP A 109 11.89 1.40 -5.55
CA ASP A 109 12.81 0.32 -5.91
C ASP A 109 13.45 -0.23 -4.65
N GLY A 110 12.87 -1.30 -4.11
CA GLY A 110 13.49 -2.02 -3.02
C GLY A 110 12.93 -1.62 -1.67
N LEU A 111 13.07 -2.54 -0.72
CA LEU A 111 12.83 -2.28 0.69
C LEU A 111 14.18 -2.36 1.38
N CYS A 112 14.63 -1.25 1.94
CA CYS A 112 15.97 -1.18 2.52
C CYS A 112 15.89 -0.76 3.97
N PHE A 113 16.74 -1.37 4.79
CA PHE A 113 16.65 -1.30 6.24
C PHE A 113 18.00 -0.92 6.81
N TYR A 114 18.00 -0.03 7.79
CA TYR A 114 19.20 0.31 8.53
C TYR A 114 18.91 0.11 10.02
N PHE A 115 19.78 -0.63 10.69
CA PHE A 115 19.56 -1.04 12.07
C PHE A 115 20.55 -0.30 12.95
N LEU A 116 20.04 0.58 13.79
CA LEU A 116 20.89 1.43 14.63
C LEU A 116 21.15 0.75 15.96
N ASP A 117 22.43 0.62 16.32
CA ASP A 117 22.82 0.13 17.63
C ASP A 117 22.54 1.20 18.68
N ARG A 118 21.71 0.88 19.67
CA ARG A 118 21.32 1.89 20.66
C ARG A 118 22.42 2.12 21.69
N GLU A 119 23.09 1.06 22.13
CA GLU A 119 24.14 1.21 23.14
C GLU A 119 25.49 1.59 22.54
N ASN A 120 25.64 1.53 21.21
CA ASN A 120 26.87 1.94 20.53
C ASN A 120 26.47 2.94 19.46
N GLN A 121 26.24 4.18 19.88
CA GLN A 121 25.72 5.21 18.98
C GLN A 121 26.65 5.41 17.80
N GLY A 122 26.08 5.44 16.60
CA GLY A 122 26.84 5.58 15.38
C GLY A 122 27.04 4.28 14.64
N GLN A 123 27.01 3.15 15.35
CA GLN A 123 27.09 1.85 14.71
C GLN A 123 25.76 1.49 14.07
N TYR A 124 25.83 0.89 12.88
CA TYR A 124 24.62 0.41 12.22
C TYR A 124 25.00 -0.70 11.26
N THR A 125 24.00 -1.52 10.93
CA THR A 125 24.05 -2.48 9.85
C THR A 125 22.91 -2.18 8.89
N ASP A 126 22.84 -2.93 7.79
CA ASP A 126 21.78 -2.68 6.82
C ASP A 126 21.31 -3.98 6.21
N PHE A 127 20.19 -3.88 5.48
CA PHE A 127 19.65 -4.95 4.67
C PHE A 127 19.09 -4.30 3.42
N CYS A 128 19.70 -4.57 2.27
CA CYS A 128 19.41 -3.87 1.02
C CYS A 128 18.81 -4.84 0.02
N SER A 129 17.71 -4.43 -0.60
CA SER A 129 17.08 -5.19 -1.67
C SER A 129 16.72 -4.25 -2.80
N VAL A 130 16.54 -4.84 -3.99
CA VAL A 130 16.18 -4.09 -5.17
C VAL A 130 14.77 -4.49 -5.60
N GLY A 131 14.21 -3.72 -6.54
CA GLY A 131 12.94 -4.05 -7.11
C GLY A 131 13.08 -4.90 -8.36
N ALA A 132 12.66 -4.37 -9.51
CA ALA A 132 12.66 -5.11 -10.76
C ALA A 132 13.09 -4.18 -11.88
N PRO A 133 13.59 -4.73 -12.99
CA PRO A 133 13.87 -3.89 -14.16
C PRO A 133 12.61 -3.16 -14.63
N GLY A 134 12.83 -2.03 -15.29
CA GLY A 134 11.72 -1.27 -15.83
C GLY A 134 10.86 -2.06 -16.80
N LEU A 135 11.46 -3.02 -17.50
CA LEU A 135 10.73 -3.89 -18.42
C LEU A 135 10.13 -5.12 -17.73
N VAL A 136 10.18 -5.16 -16.40
CA VAL A 136 9.54 -6.25 -15.65
C VAL A 136 8.32 -5.71 -14.91
N LEU A 137 8.55 -4.83 -13.93
CA LEU A 137 7.47 -4.17 -13.21
C LEU A 137 8.04 -2.98 -12.44
N ALA A 138 7.16 -2.25 -11.78
CA ALA A 138 7.53 -1.16 -10.89
C ALA A 138 6.71 -1.26 -9.61
N SER A 139 7.22 -0.68 -8.54
CA SER A 139 6.44 -0.38 -7.35
C SER A 139 6.32 1.13 -7.22
N LEU A 140 5.37 1.59 -6.38
CA LEU A 140 4.98 2.99 -6.39
C LEU A 140 4.87 3.54 -4.97
N GLN A 141 5.26 4.82 -4.83
CA GLN A 141 4.95 5.61 -3.64
C GLN A 141 3.85 6.60 -4.03
N ILE A 142 2.70 6.51 -3.37
CA ILE A 142 1.49 7.18 -3.85
C ILE A 142 1.04 8.23 -2.84
N GLU A 143 0.76 9.43 -3.33
CA GLU A 143 0.03 10.42 -2.55
C GLU A 143 -1.44 10.04 -2.59
N ARG A 144 -2.03 9.81 -1.42
CA ARG A 144 -3.34 9.16 -1.41
C ARG A 144 -4.46 10.04 -1.97
N PRO A 145 -4.42 11.37 -1.80
CA PRO A 145 -5.37 12.20 -2.57
C PRO A 145 -5.28 11.97 -4.07
N MET A 146 -4.10 11.66 -4.60
CA MET A 146 -3.98 11.41 -6.03
C MET A 146 -4.43 10.00 -6.40
N SER A 147 -4.09 9.00 -5.58
CA SER A 147 -4.49 7.64 -5.91
C SER A 147 -6.01 7.49 -5.83
N GLU A 148 -6.64 8.10 -4.83
CA GLU A 148 -8.08 8.00 -4.74
C GLU A 148 -8.78 8.80 -5.84
N LEU A 149 -8.16 9.90 -6.29
CA LEU A 149 -8.69 10.58 -7.47
C LEU A 149 -8.57 9.70 -8.71
N LEU A 150 -7.38 9.13 -8.95
CA LEU A 150 -7.19 8.24 -10.07
C LEU A 150 -8.24 7.13 -10.10
N PHE A 151 -8.43 6.46 -8.97
CA PHE A 151 -9.38 5.34 -8.93
C PHE A 151 -10.83 5.81 -9.03
N THR A 152 -11.13 7.02 -8.52
CA THR A 152 -12.47 7.58 -8.71
C THR A 152 -12.78 7.78 -10.18
N ILE A 153 -11.86 8.42 -10.90
CA ILE A 153 -12.07 8.68 -12.33
C ILE A 153 -12.13 7.37 -13.11
N LEU A 154 -11.24 6.43 -12.80
CA LEU A 154 -11.29 5.13 -13.46
C LEU A 154 -12.60 4.43 -13.18
N ALA A 155 -13.09 4.53 -11.95
CA ALA A 155 -14.37 3.91 -11.61
C ALA A 155 -15.50 4.52 -12.42
N GLN A 156 -15.55 5.86 -12.48
CA GLN A 156 -16.60 6.54 -13.22
C GLN A 156 -16.55 6.19 -14.70
N ARG A 157 -15.36 5.91 -15.24
CA ARG A 157 -15.24 5.49 -16.62
C ARG A 157 -15.55 4.02 -16.84
N ASN A 158 -15.80 3.27 -15.77
CA ASN A 158 -16.16 1.86 -15.85
C ASN A 158 -17.49 1.58 -15.16
N GLY A 159 -18.44 2.51 -15.30
CA GLY A 159 -19.81 2.27 -14.87
C GLY A 159 -20.06 2.33 -13.39
N VAL A 160 -19.12 2.85 -12.59
CA VAL A 160 -19.29 2.99 -11.15
C VAL A 160 -19.57 4.45 -10.83
N ASN A 161 -20.58 4.70 -10.00
CA ASN A 161 -20.87 6.05 -9.52
C ASN A 161 -20.16 6.28 -8.19
N VAL A 162 -19.47 7.41 -8.09
CA VAL A 162 -18.78 7.80 -6.87
C VAL A 162 -19.27 9.17 -6.47
N TYR A 163 -19.74 9.32 -5.24
CA TYR A 163 -20.31 10.57 -4.76
C TYR A 163 -19.47 11.08 -3.60
N HIS A 164 -18.74 12.15 -3.83
CA HIS A 164 -18.01 12.86 -2.78
C HIS A 164 -18.93 13.87 -2.10
N GLY A 165 -18.52 14.29 -0.91
CA GLY A 165 -19.34 15.20 -0.13
C GLY A 165 -20.63 14.62 0.37
N ARG A 166 -20.75 13.29 0.43
CA ARG A 166 -21.95 12.62 0.89
C ARG A 166 -21.57 11.63 1.99
N GLU A 167 -22.43 11.53 2.99
CA GLU A 167 -22.13 10.78 4.20
C GLU A 167 -23.21 9.74 4.45
N VAL A 168 -22.80 8.48 4.64
CA VAL A 168 -23.75 7.47 5.07
C VAL A 168 -24.14 7.74 6.51
N ASP A 169 -25.44 7.80 6.77
CA ASP A 169 -25.98 8.00 8.11
C ASP A 169 -26.21 6.63 8.73
N PHE A 170 -25.29 6.19 9.58
CA PHE A 170 -25.38 4.85 10.16
C PHE A 170 -26.36 4.76 11.30
N LYS A 171 -27.04 5.85 11.65
CA LYS A 171 -28.11 5.79 12.63
C LYS A 171 -29.44 5.40 12.00
N SER A 172 -29.75 5.97 10.84
CA SER A 172 -31.02 5.70 10.16
C SER A 172 -30.89 4.66 9.05
N THR A 173 -29.68 4.30 8.64
CA THR A 173 -29.52 3.25 7.63
C THR A 173 -30.05 1.92 8.14
N VAL A 174 -30.74 1.19 7.26
CA VAL A 174 -31.26 -0.13 7.59
C VAL A 174 -30.56 -1.14 6.69
N VAL A 175 -29.94 -2.14 7.30
CA VAL A 175 -29.24 -3.22 6.60
C VAL A 175 -29.82 -4.54 7.07
N GLN A 176 -30.25 -5.37 6.12
CA GLN A 176 -30.87 -6.64 6.47
C GLN A 176 -30.80 -7.59 5.26
N GLY A 177 -31.10 -8.85 5.53
CA GLY A 177 -31.27 -9.84 4.48
C GLY A 177 -32.51 -9.56 3.65
N GLY A 178 -32.81 -10.49 2.78
CA GLY A 178 -33.88 -10.34 1.81
C GLY A 178 -33.34 -10.11 0.41
N GLY A 179 -34.18 -9.53 -0.44
CA GLY A 179 -33.74 -9.18 -1.77
C GLY A 179 -32.89 -7.94 -1.74
N GLN A 180 -33.49 -6.79 -2.06
CA GLN A 180 -32.85 -5.51 -1.82
C GLN A 180 -33.37 -4.90 -0.52
N GLY A 181 -33.05 -5.58 0.58
CA GLY A 181 -33.55 -5.21 1.89
C GLY A 181 -32.88 -3.99 2.51
N ASN A 182 -31.78 -3.51 1.93
CA ASN A 182 -31.07 -2.39 2.53
C ASN A 182 -31.70 -1.06 2.11
N LYS A 183 -31.81 -0.15 3.07
CA LYS A 183 -32.19 1.24 2.82
C LYS A 183 -31.06 2.11 3.39
N ILE A 184 -30.14 2.51 2.53
CA ILE A 184 -28.96 3.24 2.96
C ILE A 184 -29.29 4.72 2.98
N ALA A 185 -29.20 5.33 4.16
CA ALA A 185 -29.46 6.77 4.31
C ALA A 185 -28.18 7.53 4.02
N VAL A 186 -28.26 8.50 3.10
CA VAL A 186 -27.11 9.28 2.68
C VAL A 186 -27.46 10.75 2.78
N SER A 187 -26.62 11.52 3.48
CA SER A 187 -26.82 12.95 3.65
C SER A 187 -25.52 13.68 3.35
N ARG A 188 -25.57 15.00 3.47
CA ARG A 188 -24.37 15.82 3.39
C ARG A 188 -23.74 16.07 4.75
N GLY A 189 -24.30 15.49 5.80
CA GLY A 189 -23.78 15.66 7.13
C GLY A 189 -24.90 15.65 8.16
N LYS A 190 -24.48 15.76 9.42
CA LYS A 190 -25.41 15.79 10.56
C LYS A 190 -26.47 16.88 10.40
N TYR A 191 -26.07 18.04 9.87
CA TYR A 191 -26.94 19.21 9.76
C TYR A 191 -28.03 19.04 8.69
N ASP A 192 -27.95 18.00 7.88
CA ASP A 192 -28.78 17.85 6.68
C ASP A 192 -30.10 17.19 7.05
N SER A 193 -31.20 17.95 6.88
CA SER A 193 -32.53 17.45 7.18
C SER A 193 -33.21 16.81 5.99
N THR A 194 -32.56 16.75 4.83
CA THR A 194 -33.13 16.16 3.62
C THR A 194 -32.22 15.04 3.14
N PRO A 195 -32.09 13.97 3.92
CA PRO A 195 -31.25 12.85 3.48
C PRO A 195 -31.94 12.04 2.42
N LYS A 196 -31.15 11.36 1.60
CA LYS A 196 -31.68 10.49 0.57
C LYS A 196 -31.53 9.03 1.00
N THR A 197 -32.27 8.16 0.34
CA THR A 197 -32.23 6.73 0.60
C THR A 197 -31.90 6.01 -0.70
N ILE A 198 -30.94 5.09 -0.64
CA ILE A 198 -30.61 4.23 -1.77
C ILE A 198 -31.09 2.82 -1.41
N ASP A 199 -32.13 2.35 -2.10
CA ASP A 199 -32.58 0.98 -1.92
C ASP A 199 -31.60 0.04 -2.62
N SER A 200 -31.11 -0.95 -1.89
CA SER A 200 -29.98 -1.72 -2.37
C SER A 200 -29.96 -3.10 -1.73
N ALA A 201 -29.15 -3.98 -2.30
CA ALA A 201 -29.06 -5.37 -1.86
C ALA A 201 -27.87 -5.62 -0.95
N LEU A 202 -26.72 -5.00 -1.21
CA LEU A 202 -25.51 -5.29 -0.47
C LEU A 202 -24.86 -3.98 -0.02
N PHE A 203 -24.47 -3.92 1.25
CA PHE A 203 -23.70 -2.80 1.77
C PHE A 203 -22.28 -3.25 2.09
N VAL A 204 -21.31 -2.47 1.65
CA VAL A 204 -19.90 -2.74 1.89
C VAL A 204 -19.37 -1.67 2.82
N ASP A 205 -18.91 -2.09 4.00
CA ASP A 205 -18.28 -1.17 4.95
C ASP A 205 -16.82 -1.01 4.54
N ALA A 206 -16.52 0.09 3.86
CA ALA A 206 -15.16 0.49 3.55
C ALA A 206 -14.80 1.80 4.25
N THR A 207 -15.33 2.01 5.46
CA THR A 207 -15.02 3.22 6.23
C THR A 207 -13.71 3.10 7.02
N GLY A 208 -12.86 2.14 6.69
CA GLY A 208 -11.54 2.11 7.30
C GLY A 208 -11.57 1.84 8.79
N ARG A 209 -10.60 2.43 9.49
CA ARG A 209 -10.46 2.20 10.93
C ARG A 209 -11.66 2.70 11.71
N PHE A 210 -12.50 3.56 11.12
CA PHE A 210 -13.69 4.03 11.81
C PHE A 210 -14.73 2.93 12.01
N ARG A 211 -14.66 1.85 11.21
CA ARG A 211 -15.54 0.68 11.39
C ARG A 211 -17.00 1.10 11.57
N GLN A 212 -17.46 2.02 10.71
CA GLN A 212 -18.70 2.71 11.03
C GLN A 212 -19.90 1.76 11.04
N PHE A 213 -19.85 0.65 10.31
CA PHE A 213 -20.94 -0.31 10.40
C PHE A 213 -20.61 -1.51 11.27
N CYS A 214 -19.47 -2.16 11.04
CA CYS A 214 -19.22 -3.41 11.75
C CYS A 214 -18.96 -3.21 13.24
N SER A 215 -18.61 -1.98 13.67
CA SER A 215 -18.55 -1.72 15.11
C SER A 215 -19.90 -1.94 15.79
N LYS A 216 -21.00 -1.80 15.03
CA LYS A 216 -22.32 -2.07 15.58
C LYS A 216 -22.54 -3.55 15.87
N LYS A 217 -21.74 -4.43 15.25
CA LYS A 217 -21.96 -5.87 15.35
C LYS A 217 -20.99 -6.56 16.30
N ALA A 218 -19.88 -5.92 16.66
CA ALA A 218 -18.93 -6.47 17.62
C ALA A 218 -18.00 -5.39 18.12
N PRO A 219 -17.54 -5.46 19.37
CA PRO A 219 -16.57 -4.48 19.85
C PRO A 219 -15.22 -4.68 19.19
N ARG A 220 -14.47 -3.58 19.06
CA ARG A 220 -13.13 -3.66 18.51
C ARG A 220 -12.26 -4.55 19.38
N HIS A 221 -11.46 -5.40 18.74
CA HIS A 221 -10.61 -6.36 19.44
C HIS A 221 -9.16 -5.89 19.40
N ARG A 222 -8.49 -5.97 20.56
CA ARG A 222 -7.08 -5.64 20.67
C ARG A 222 -6.27 -6.89 21.00
N PHE A 223 -5.06 -6.96 20.47
CA PHE A 223 -4.19 -8.09 20.75
C PHE A 223 -3.46 -7.91 22.08
N ASP A 224 -3.01 -9.03 22.65
CA ASP A 224 -2.25 -8.97 23.88
C ASP A 224 -0.91 -8.27 23.65
N GLY A 225 -0.35 -7.74 24.74
CA GLY A 225 0.96 -7.15 24.69
C GLY A 225 0.94 -5.69 24.27
N TRP A 226 2.13 -5.19 23.97
CA TRP A 226 2.26 -3.79 23.57
C TRP A 226 1.64 -3.56 22.20
N ASN A 227 1.22 -2.32 21.98
CA ASN A 227 0.76 -1.87 20.68
C ASN A 227 1.75 -0.78 20.22
N CYS A 228 1.41 -0.11 19.13
CA CYS A 228 2.28 0.93 18.59
C CYS A 228 1.54 2.25 18.46
N ASN A 229 2.33 3.32 18.50
CA ASN A 229 1.89 4.67 18.16
C ASN A 229 2.72 5.16 16.99
N ALA A 230 2.17 6.10 16.23
CA ALA A 230 2.88 6.71 15.12
C ALA A 230 2.78 8.22 15.18
N PHE A 231 3.86 8.90 14.84
CA PHE A 231 3.86 10.36 14.68
C PHE A 231 4.76 10.71 13.51
N TRP A 232 4.31 11.63 12.66
CA TRP A 232 4.98 11.83 11.39
C TRP A 232 4.76 13.24 10.87
N GLY A 233 5.52 13.58 9.83
CA GLY A 233 5.43 14.86 9.17
C GLY A 233 5.95 14.71 7.75
N TYR A 234 5.98 15.84 7.05
CA TYR A 234 6.41 15.88 5.65
C TYR A 234 7.56 16.86 5.50
N PHE A 235 8.54 16.45 4.67
CA PHE A 235 9.81 17.15 4.56
C PHE A 235 10.16 17.32 3.09
N THR A 236 11.15 18.17 2.84
CA THR A 236 11.69 18.29 1.50
C THR A 236 12.31 16.96 1.06
N ALA A 237 12.61 16.89 -0.23
CA ALA A 237 13.28 15.73 -0.81
C ALA A 237 14.55 16.22 -1.49
N PRO A 238 15.72 16.02 -0.90
CA PRO A 238 16.95 16.57 -1.48
C PRO A 238 17.31 15.89 -2.80
N LYS A 239 17.73 16.72 -3.76
CA LYS A 239 18.30 16.18 -5.00
C LYS A 239 19.58 15.43 -4.72
N ASP A 240 20.44 16.01 -3.88
CA ASP A 240 21.76 15.44 -3.56
C ASP A 240 21.60 14.61 -2.29
N GLU A 241 21.57 13.29 -2.43
CA GLU A 241 21.41 12.37 -1.32
C GLU A 241 22.74 11.91 -0.73
N SER A 242 23.86 12.48 -1.19
CA SER A 242 25.17 11.92 -0.84
C SER A 242 25.60 12.23 0.59
N LYS A 243 24.92 13.13 1.29
CA LYS A 243 25.28 13.43 2.67
C LYS A 243 24.43 12.67 3.68
N ILE A 244 23.49 11.86 3.22
CA ILE A 244 22.79 10.91 4.10
C ILE A 244 23.82 10.05 4.81
N PRO A 245 23.71 9.85 6.12
CA PRO A 245 24.78 9.16 6.87
C PRO A 245 24.81 7.65 6.70
N PHE A 246 24.02 7.07 5.81
CA PHE A 246 24.03 5.62 5.58
C PHE A 246 24.68 5.33 4.24
N ASP A 247 25.62 4.39 4.25
CA ASP A 247 26.34 4.03 3.03
C ASP A 247 25.42 3.33 2.04
N LEU A 248 25.60 3.65 0.75
CA LEU A 248 24.83 3.02 -0.33
C LEU A 248 23.34 3.29 -0.19
N TYR A 249 22.98 4.47 0.30
CA TYR A 249 21.58 4.85 0.46
C TYR A 249 20.98 5.26 -0.87
N GLU A 250 19.71 4.90 -1.08
CA GLU A 250 18.99 5.28 -2.29
C GLU A 250 17.59 5.74 -1.92
N GLY A 251 17.22 6.94 -2.39
CA GLY A 251 15.98 7.56 -1.98
C GLY A 251 14.72 6.90 -2.51
N ASP A 252 14.83 6.11 -3.59
CA ASP A 252 13.64 5.49 -4.16
C ASP A 252 13.27 4.17 -3.51
N ALA A 253 14.04 3.71 -2.53
CA ALA A 253 13.55 2.61 -1.73
C ALA A 253 12.55 3.13 -0.71
N THR A 254 11.73 2.23 -0.18
CA THR A 254 11.09 2.51 1.10
C THR A 254 12.14 2.20 2.15
N ASN A 255 12.69 3.25 2.77
CA ASN A 255 13.78 3.08 3.71
C ASN A 255 13.24 2.96 5.12
N HIS A 256 13.84 2.06 5.88
CA HIS A 256 13.44 1.78 7.26
C HIS A 256 14.64 2.01 8.16
N LEU A 257 14.52 2.94 9.11
CA LEU A 257 15.55 3.16 10.11
C LEU A 257 15.07 2.48 11.40
N CYS A 258 15.74 1.41 11.79
CA CYS A 258 15.22 0.49 12.79
C CYS A 258 16.09 0.47 14.04
N PHE A 259 15.43 0.35 15.19
CA PHE A 259 16.09 0.45 16.49
C PHE A 259 15.20 -0.25 17.52
N PRO A 260 15.69 -0.45 18.75
CA PRO A 260 14.90 -1.21 19.74
C PRO A 260 13.47 -0.73 19.95
N GLU A 261 13.23 0.58 19.96
CA GLU A 261 11.90 1.09 20.27
C GLU A 261 10.93 1.00 19.09
N GLY A 262 11.43 0.82 17.88
CA GLY A 262 10.59 0.81 16.70
C GLY A 262 11.36 1.15 15.45
N TRP A 263 10.74 1.89 14.53
CA TRP A 263 11.41 2.19 13.28
C TRP A 263 10.85 3.47 12.68
N VAL A 264 11.59 4.01 11.71
CA VAL A 264 11.22 5.22 10.98
C VAL A 264 11.05 4.87 9.51
N TRP A 265 9.93 5.26 8.91
CA TRP A 265 9.78 5.14 7.47
C TRP A 265 10.24 6.40 6.75
N VAL A 266 10.77 6.22 5.56
CA VAL A 266 11.26 7.32 4.72
C VAL A 266 10.80 7.02 3.29
N ILE A 267 9.88 7.83 2.78
CA ILE A 267 9.22 7.57 1.50
C ILE A 267 9.28 8.84 0.66
N ARG A 268 9.94 8.76 -0.50
CA ARG A 268 10.06 9.88 -1.41
C ARG A 268 8.95 9.81 -2.45
N LEU A 269 8.15 10.87 -2.57
CA LEU A 269 7.02 10.83 -3.46
C LEU A 269 6.67 12.24 -3.92
N PRO A 270 6.04 12.39 -5.08
CA PRO A 270 5.59 13.71 -5.51
C PRO A 270 4.23 14.06 -4.91
N SER A 271 4.04 15.36 -4.68
CA SER A 271 2.81 15.88 -4.09
C SER A 271 2.16 16.86 -5.06
N TRP A 272 0.86 16.69 -5.29
CA TRP A 272 0.09 17.60 -6.11
C TRP A 272 -0.70 18.61 -5.28
N GLU A 273 -0.39 18.74 -3.98
CA GLU A 273 -1.15 19.64 -3.11
C GLU A 273 -1.12 21.07 -3.61
N GLY A 274 -2.25 21.77 -3.48
CA GLY A 274 -2.42 23.09 -4.00
C GLY A 274 -3.14 23.14 -5.34
N SER A 275 -3.31 22.00 -6.01
CA SER A 275 -3.96 21.97 -7.31
C SER A 275 -5.48 21.96 -7.16
N PRO A 276 -6.20 22.75 -7.98
CA PRO A 276 -7.67 22.65 -7.98
C PRO A 276 -8.12 21.26 -8.41
N ILE A 277 -9.25 20.82 -7.86
CA ILE A 277 -9.67 19.44 -8.13
C ILE A 277 -10.11 19.27 -9.58
N ALA A 278 -10.76 20.29 -10.16
CA ALA A 278 -11.20 20.16 -11.55
C ALA A 278 -10.01 20.02 -12.49
N ASN A 279 -8.96 20.82 -12.27
CA ASN A 279 -7.75 20.70 -13.10
C ASN A 279 -7.14 19.31 -12.95
N LEU A 280 -7.15 18.76 -11.74
CA LEU A 280 -6.61 17.42 -11.54
C LEU A 280 -7.46 16.38 -12.27
N MET A 281 -8.79 16.55 -12.30
CA MET A 281 -9.63 15.61 -13.05
C MET A 281 -9.24 15.59 -14.52
N ASP A 282 -8.93 16.76 -15.09
CA ASP A 282 -8.56 16.83 -16.50
C ASP A 282 -7.23 16.16 -16.75
N MET A 283 -6.26 16.36 -15.84
CA MET A 283 -4.96 15.72 -16.02
C MET A 283 -5.06 14.21 -15.90
N VAL A 284 -5.79 13.72 -14.90
CA VAL A 284 -5.97 12.28 -14.74
C VAL A 284 -6.70 11.69 -15.94
N THR A 285 -7.77 12.34 -16.39
CA THR A 285 -8.52 11.87 -17.55
C THR A 285 -7.62 11.79 -18.78
N TYR A 286 -6.80 12.83 -18.99
CA TYR A 286 -5.85 12.82 -20.10
C TYR A 286 -4.88 11.65 -19.99
N ILE A 287 -4.38 11.36 -18.78
CA ILE A 287 -3.46 10.26 -18.59
C ILE A 287 -4.13 8.93 -18.93
N LEU A 288 -5.39 8.76 -18.52
CA LEU A 288 -6.10 7.52 -18.86
C LEU A 288 -6.34 7.40 -20.36
N GLU A 289 -6.66 8.51 -21.02
CA GLU A 289 -6.82 8.47 -22.48
C GLU A 289 -5.50 8.06 -23.13
N CYS A 290 -4.38 8.55 -22.60
CA CYS A 290 -3.07 8.16 -23.11
C CYS A 290 -2.80 6.69 -22.84
N ALA A 291 -3.19 6.20 -21.66
CA ALA A 291 -3.05 4.78 -21.36
C ALA A 291 -3.86 3.93 -22.32
N ASP A 292 -5.11 4.32 -22.57
CA ASP A 292 -5.94 3.59 -23.53
C ASP A 292 -5.30 3.55 -24.91
N ALA A 293 -4.74 4.68 -25.36
CA ALA A 293 -4.16 4.76 -26.68
C ALA A 293 -2.78 4.13 -26.78
N GLY A 294 -2.15 3.79 -25.65
CA GLY A 294 -0.83 3.20 -25.68
C GLY A 294 0.28 4.17 -26.03
N VAL A 295 0.16 5.42 -25.62
CA VAL A 295 1.20 6.42 -25.90
C VAL A 295 2.51 5.98 -25.27
N PRO A 296 3.61 5.91 -26.02
CA PRO A 296 4.88 5.51 -25.45
C PRO A 296 5.37 6.49 -24.39
N GLY A 297 6.20 5.99 -23.48
CA GLY A 297 6.65 6.79 -22.36
C GLY A 297 7.34 8.08 -22.77
N ASP A 298 8.21 7.99 -23.78
CA ASP A 298 8.98 9.17 -24.20
C ASP A 298 8.13 10.18 -24.95
N GLU A 299 6.96 9.79 -25.44
CA GLU A 299 6.04 10.71 -26.09
C GLU A 299 4.94 11.18 -25.16
N LEU A 300 4.97 10.79 -23.91
CA LEU A 300 4.03 11.20 -22.88
C LEU A 300 4.60 12.40 -22.12
N PRO A 301 3.80 13.44 -21.86
CA PRO A 301 4.34 14.59 -21.14
C PRO A 301 4.83 14.21 -19.75
N SER A 302 5.90 14.86 -19.30
CA SER A 302 6.43 14.59 -17.98
C SER A 302 5.51 15.15 -16.92
N SER A 303 5.74 14.73 -15.67
CA SER A 303 4.95 15.22 -14.53
C SER A 303 4.91 16.75 -14.50
N GLU A 304 6.08 17.38 -14.61
CA GLU A 304 6.12 18.84 -14.55
C GLU A 304 5.41 19.47 -15.75
N GLU A 305 5.49 18.84 -16.92
CA GLU A 305 4.78 19.35 -18.09
C GLU A 305 3.27 19.25 -17.92
N LEU A 306 2.79 18.14 -17.33
CA LEU A 306 1.38 18.02 -17.00
C LEU A 306 0.94 19.14 -16.05
N ALA A 307 1.77 19.46 -15.07
CA ALA A 307 1.44 20.55 -14.15
C ALA A 307 1.28 21.86 -14.90
N ARG A 308 2.16 22.13 -15.88
CA ARG A 308 2.02 23.33 -16.68
C ARG A 308 0.80 23.28 -17.58
N MET A 309 0.56 22.12 -18.22
CA MET A 309 -0.56 21.99 -19.14
C MET A 309 -1.90 22.23 -18.44
N PHE A 310 -2.07 21.67 -17.25
CA PHE A 310 -3.38 21.68 -16.59
C PHE A 310 -3.45 22.65 -15.43
N GLY A 311 -2.41 23.44 -15.19
CA GLY A 311 -2.44 24.44 -14.13
C GLY A 311 -2.41 23.83 -12.75
N LEU A 312 -1.43 22.96 -12.52
CA LEU A 312 -1.30 22.23 -11.28
C LEU A 312 -0.08 22.70 -10.49
N LYS A 313 -0.06 22.34 -9.21
CA LYS A 313 1.11 22.49 -8.37
C LYS A 313 1.76 21.13 -8.19
N PHE A 314 3.09 21.09 -8.26
CA PHE A 314 3.85 19.85 -8.20
C PHE A 314 5.12 20.10 -7.41
N GLN A 315 5.44 19.18 -6.50
CA GLN A 315 6.64 19.29 -5.69
C GLN A 315 7.02 17.90 -5.18
N TRP A 316 8.30 17.75 -4.87
CA TRP A 316 8.83 16.52 -4.28
C TRP A 316 8.89 16.67 -2.76
N VAL A 317 8.37 15.67 -2.05
CA VAL A 317 8.39 15.66 -0.59
C VAL A 317 8.89 14.30 -0.12
N THR A 318 9.31 14.26 1.15
CA THR A 318 9.65 13.00 1.81
C THR A 318 8.70 12.79 2.98
N SER A 319 8.00 11.66 2.98
CA SER A 319 7.17 11.28 4.11
C SER A 319 8.04 10.56 5.14
N ILE A 320 8.12 11.10 6.36
CA ILE A 320 9.00 10.56 7.39
C ILE A 320 8.21 10.44 8.68
N GLY A 321 8.16 9.22 9.25
CA GLY A 321 7.40 9.01 10.46
C GLY A 321 8.01 7.94 11.34
N PHE A 322 7.66 8.02 12.63
CA PHE A 322 8.02 7.01 13.62
C PHE A 322 6.85 6.06 13.84
N ALA A 323 7.15 4.77 13.96
CA ALA A 323 6.18 3.78 14.42
C ALA A 323 6.85 3.03 15.56
N VAL A 324 6.48 3.36 16.80
CA VAL A 324 7.20 2.87 17.97
C VAL A 324 6.23 2.19 18.93
N ARG A 325 6.79 1.33 19.77
CA ARG A 325 6.01 0.62 20.76
C ARG A 325 5.42 1.59 21.77
N ASN A 326 4.25 1.24 22.33
CA ASN A 326 3.61 2.11 23.29
C ASN A 326 3.95 1.75 24.74
N ASP A 327 4.97 0.92 24.95
CA ASP A 327 5.57 0.76 26.26
C ASP A 327 6.87 1.55 26.39
N VAL A 328 7.14 2.44 25.45
CA VAL A 328 8.25 3.38 25.58
C VAL A 328 7.95 4.37 26.69
N LYS A 329 8.96 4.64 27.53
CA LYS A 329 8.86 5.66 28.56
C LYS A 329 9.39 6.99 28.03
N TYR A 330 8.57 8.04 28.12
CA TYR A 330 8.97 9.39 27.73
C TYR A 330 9.22 10.24 28.96
N PRO A 331 10.08 11.26 28.86
CA PRO A 331 10.15 12.27 29.93
C PRO A 331 8.81 12.97 30.07
N GLU A 332 8.52 13.39 31.29
CA GLU A 332 7.22 14.02 31.58
C GLU A 332 7.07 15.34 30.82
N ASP A 333 8.16 16.10 30.71
CA ASP A 333 8.15 17.42 30.09
C ASP A 333 8.96 17.36 28.80
N LEU A 334 8.28 17.51 27.67
CA LEU A 334 8.92 17.55 26.36
C LEU A 334 8.72 18.91 25.67
N SER A 335 8.47 19.97 26.44
CA SER A 335 8.20 21.28 25.85
C SER A 335 9.40 21.85 25.11
N ALA A 336 10.62 21.37 25.39
CA ALA A 336 11.79 21.84 24.67
C ALA A 336 11.79 21.39 23.21
N TYR A 337 11.02 20.37 22.86
CA TYR A 337 11.01 19.81 21.50
C TYR A 337 9.81 20.25 20.68
N GLY A 338 9.00 21.20 21.18
CA GLY A 338 7.85 21.64 20.43
C GLY A 338 6.63 21.92 21.28
N THR A 339 5.53 22.31 20.64
CA THR A 339 4.30 22.63 21.36
C THR A 339 3.21 21.59 21.21
N ARG A 340 3.30 20.71 20.21
CA ARG A 340 2.33 19.65 19.99
C ARG A 340 2.95 18.30 20.34
N GLU A 341 2.10 17.36 20.79
CA GLU A 341 2.60 16.06 21.21
C GLU A 341 3.32 15.33 20.07
N ALA A 342 2.72 15.34 18.87
CA ALA A 342 3.32 14.66 17.73
C ALA A 342 4.69 15.26 17.42
N GLU A 343 4.76 16.59 17.35
CA GLU A 343 6.03 17.27 17.12
C GLU A 343 7.02 16.99 18.24
N GLN A 344 6.54 17.01 19.49
CA GLN A 344 7.43 16.80 20.64
C GLN A 344 8.07 15.42 20.60
N LYS A 345 7.28 14.37 20.37
CA LYS A 345 7.82 13.02 20.42
C LYS A 345 8.67 12.71 19.19
N PHE A 346 8.31 13.26 18.04
CA PHE A 346 9.14 13.12 16.84
C PHE A 346 10.53 13.69 17.09
N ASN A 347 10.61 14.95 17.50
CA ASN A 347 11.90 15.61 17.67
C ASN A 347 12.66 15.05 18.86
N TYR A 348 11.94 14.61 19.90
CA TYR A 348 12.59 13.93 21.01
C TYR A 348 13.26 12.63 20.56
N PHE A 349 12.56 11.83 19.74
CA PHE A 349 13.14 10.56 19.32
C PHE A 349 14.32 10.77 18.37
N VAL A 350 14.29 11.81 17.56
CA VAL A 350 15.39 12.07 16.64
C VAL A 350 16.70 12.27 17.40
N GLN A 351 16.66 13.09 18.46
CA GLN A 351 17.89 13.36 19.20
C GLN A 351 18.29 12.22 20.13
N LYS A 352 17.50 11.14 20.22
CA LYS A 352 17.95 9.98 20.98
C LYS A 352 18.95 9.13 20.21
N TYR A 353 19.01 9.26 18.89
CA TYR A 353 19.93 8.49 18.05
C TYR A 353 20.72 9.46 17.19
N GLU A 354 22.05 9.42 17.31
CA GLU A 354 22.87 10.35 16.51
C GLU A 354 22.69 10.11 15.03
N LEU A 355 22.45 8.86 14.61
CA LEU A 355 22.25 8.61 13.19
C LEU A 355 20.93 9.18 12.71
N LEU A 356 19.90 9.19 13.56
CA LEU A 356 18.63 9.80 13.16
C LEU A 356 18.78 11.30 13.03
N GLN A 357 19.52 11.93 13.94
CA GLN A 357 19.71 13.37 13.88
C GLN A 357 20.55 13.77 12.67
N GLN A 358 21.63 13.02 12.41
CA GLN A 358 22.42 13.27 11.21
C GLN A 358 21.60 13.00 9.95
N PHE A 359 20.74 11.98 9.98
CA PHE A 359 19.87 11.74 8.84
C PHE A 359 18.90 12.89 8.63
N MET A 360 18.14 13.24 9.67
CA MET A 360 17.12 14.28 9.56
C MET A 360 17.71 15.63 9.19
N SER A 361 19.00 15.85 9.42
CA SER A 361 19.60 17.12 9.08
C SER A 361 19.77 17.32 7.58
N ASN A 362 19.44 16.32 6.77
CA ASN A 362 19.35 16.48 5.32
C ASN A 362 17.98 16.95 4.86
N PHE A 363 17.03 17.13 5.78
CA PHE A 363 15.65 17.37 5.42
C PHE A 363 15.13 18.64 6.09
N GLU A 364 14.26 19.33 5.39
CA GLU A 364 13.64 20.56 5.87
C GLU A 364 12.15 20.32 6.06
N LEU A 365 11.64 20.69 7.22
CA LEU A 365 10.24 20.45 7.54
C LEU A 365 9.32 21.30 6.67
N ILE A 366 8.28 20.68 6.12
CA ILE A 366 7.26 21.40 5.36
C ILE A 366 6.10 21.70 6.28
N GLU A 367 5.65 22.96 6.27
CA GLU A 367 4.56 23.41 7.13
C GLU A 367 3.23 23.17 6.42
N ASN A 368 2.34 22.41 7.07
CA ASN A 368 0.93 22.35 6.67
C ASN A 368 0.77 21.95 5.21
N LEU A 369 1.48 20.89 4.81
CA LEU A 369 1.41 20.44 3.42
C LEU A 369 -0.02 20.12 3.01
N TYR A 370 -0.81 19.54 3.91
CA TYR A 370 -2.17 19.12 3.59
C TYR A 370 -3.22 20.01 4.25
N GLY A 371 -2.90 21.28 4.43
CA GLY A 371 -3.82 22.22 5.03
C GLY A 371 -3.45 22.54 6.47
N PRO A 372 -4.19 23.45 7.09
CA PRO A 372 -3.85 23.87 8.46
C PRO A 372 -3.89 22.70 9.43
N GLY A 373 -2.92 22.69 10.35
CA GLY A 373 -2.85 21.66 11.35
C GLY A 373 -2.22 20.36 10.91
N THR A 374 -1.64 20.30 9.71
CA THR A 374 -1.11 19.06 9.16
C THR A 374 0.41 19.02 9.12
N THR A 375 1.09 19.96 9.78
CA THR A 375 2.55 19.86 9.87
C THR A 375 2.94 18.57 10.58
N TRP A 376 2.16 18.16 11.57
CA TRP A 376 2.45 17.00 12.40
C TRP A 376 1.20 16.14 12.55
N PHE A 377 1.40 14.83 12.53
CA PHE A 377 0.34 13.88 12.76
C PHE A 377 0.74 12.94 13.88
N ILE A 378 -0.24 12.51 14.67
CA ILE A 378 -0.02 11.45 15.65
C ILE A 378 -1.23 10.52 15.62
N ARG A 379 -0.96 9.23 15.80
CA ARG A 379 -2.03 8.24 15.94
C ARG A 379 -1.58 7.16 16.90
N LYS A 380 -2.43 6.84 17.86
CA LYS A 380 -2.05 5.97 18.96
C LYS A 380 -2.87 4.69 18.95
N THR A 381 -2.23 3.60 19.41
CA THR A 381 -2.84 2.27 19.50
C THR A 381 -3.29 1.78 18.12
N LEU A 382 -2.29 1.44 17.31
CA LEU A 382 -2.54 1.23 15.87
C LEU A 382 -3.32 -0.05 15.60
N ALA A 383 -2.92 -1.16 16.20
CA ALA A 383 -3.40 -2.47 15.77
C ALA A 383 -4.74 -2.83 16.41
N TYR A 384 -5.61 -3.45 15.62
CA TYR A 384 -6.95 -3.84 16.06
C TYR A 384 -7.50 -4.86 15.08
N GLN A 385 -8.59 -5.52 15.48
CA GLN A 385 -9.33 -6.39 14.57
C GLN A 385 -10.83 -6.26 14.81
N SER A 386 -11.60 -6.36 13.72
CA SER A 386 -13.05 -6.45 13.80
C SER A 386 -13.46 -7.90 13.94
N PRO A 387 -14.14 -8.29 15.04
CA PRO A 387 -14.53 -9.70 15.18
C PRO A 387 -15.58 -10.16 14.18
N VAL A 388 -16.40 -9.25 13.64
CA VAL A 388 -17.43 -9.61 12.67
C VAL A 388 -17.24 -8.75 11.43
N VAL A 389 -17.11 -9.39 10.27
CA VAL A 389 -16.84 -8.70 9.02
C VAL A 389 -17.90 -8.94 7.96
N SER A 390 -18.94 -9.72 8.27
CA SER A 390 -20.04 -9.90 7.33
C SER A 390 -21.29 -10.31 8.09
N GLY A 391 -22.44 -10.12 7.43
CA GLY A 391 -23.73 -10.46 7.98
C GLY A 391 -24.80 -10.24 6.93
N PRO A 392 -26.06 -10.57 7.26
CA PRO A 392 -27.14 -10.41 6.27
C PRO A 392 -27.19 -8.99 5.72
N GLY A 393 -26.89 -8.86 4.42
CA GLY A 393 -26.96 -7.60 3.74
C GLY A 393 -25.66 -6.81 3.67
N TRP A 394 -24.57 -7.30 4.26
CA TRP A 394 -23.37 -6.47 4.35
C TRP A 394 -22.11 -7.32 4.48
N LEU A 395 -20.99 -6.68 4.18
CA LEU A 395 -19.66 -7.19 4.52
C LEU A 395 -18.73 -5.99 4.69
N ALA A 396 -17.54 -6.25 5.22
CA ALA A 396 -16.53 -5.23 5.43
C ALA A 396 -15.25 -5.60 4.69
N ILE A 397 -14.50 -4.56 4.30
CA ILE A 397 -13.24 -4.72 3.57
C ILE A 397 -12.20 -3.77 4.15
N GLY A 398 -10.93 -4.02 3.80
CA GLY A 398 -9.86 -3.10 4.13
C GLY A 398 -9.67 -2.89 5.62
N ASP A 399 -9.31 -1.65 5.99
CA ASP A 399 -9.09 -1.33 7.40
C ASP A 399 -10.31 -1.62 8.26
N ALA A 400 -11.51 -1.64 7.66
CA ALA A 400 -12.71 -1.95 8.45
C ALA A 400 -12.68 -3.36 8.99
N CYS A 401 -11.85 -4.24 8.43
CA CYS A 401 -11.65 -5.59 8.96
C CYS A 401 -10.60 -5.64 10.06
N GLY A 402 -9.64 -4.73 10.03
CA GLY A 402 -8.55 -4.75 10.98
C GLY A 402 -7.29 -4.21 10.34
N PHE A 403 -6.30 -3.98 11.20
CA PHE A 403 -5.06 -3.36 10.77
C PHE A 403 -3.99 -3.64 11.82
N THR A 404 -2.73 -3.66 11.39
CA THR A 404 -1.62 -3.88 12.31
C THR A 404 -0.68 -2.69 12.35
N ASN A 405 0.13 -2.47 11.31
CA ASN A 405 1.27 -1.57 11.40
C ASN A 405 1.68 -1.16 10.00
N PRO A 406 2.29 0.03 9.84
CA PRO A 406 2.83 0.41 8.53
C PRO A 406 3.88 -0.54 7.99
N LEU A 407 4.55 -1.33 8.84
CA LEU A 407 5.77 -2.03 8.44
C LEU A 407 5.47 -3.14 7.43
N TYR A 408 6.17 -3.09 6.29
CA TYR A 408 5.98 -3.94 5.11
C TYR A 408 4.68 -3.64 4.39
N SER A 409 4.01 -2.55 4.74
CA SER A 409 2.85 -2.06 4.02
C SER A 409 1.74 -3.10 3.79
N PRO A 410 1.34 -3.83 4.84
CA PRO A 410 0.19 -4.75 4.65
C PRO A 410 -1.13 -4.03 4.46
N GLY A 411 -1.24 -2.78 4.92
CA GLY A 411 -2.53 -2.10 4.93
C GLY A 411 -3.18 -2.04 3.56
N ILE A 412 -2.42 -1.60 2.55
CA ILE A 412 -2.94 -1.58 1.19
C ILE A 412 -2.73 -2.92 0.50
N ASN A 413 -1.52 -3.46 0.59
CA ASN A 413 -1.11 -4.53 -0.32
C ASN A 413 -1.63 -5.89 0.14
N VAL A 414 -1.65 -6.16 1.45
CA VAL A 414 -2.33 -7.34 1.95
C VAL A 414 -3.84 -7.07 2.05
N GLY A 415 -4.20 -5.87 2.50
CA GLY A 415 -5.60 -5.53 2.66
C GLY A 415 -6.41 -5.66 1.39
N MET A 416 -5.79 -5.43 0.22
CA MET A 416 -6.55 -5.55 -1.02
C MET A 416 -6.96 -6.99 -1.30
N SER A 417 -6.44 -7.97 -0.57
CA SER A 417 -6.96 -9.33 -0.70
C SER A 417 -8.43 -9.39 -0.26
N THR A 418 -8.79 -8.69 0.81
CA THR A 418 -10.19 -8.66 1.21
C THR A 418 -11.03 -7.87 0.22
N SER A 419 -10.54 -6.69 -0.18
CA SER A 419 -11.26 -5.84 -1.13
C SER A 419 -11.56 -6.60 -2.43
N THR A 420 -10.57 -7.29 -2.99
CA THR A 420 -10.79 -7.93 -4.28
C THR A 420 -11.57 -9.23 -4.16
N TRP A 421 -11.39 -9.99 -3.08
CA TRP A 421 -12.20 -11.19 -2.89
C TRP A 421 -13.66 -10.82 -2.66
N ALA A 422 -13.92 -9.81 -1.82
CA ALA A 422 -15.28 -9.36 -1.60
C ALA A 422 -15.92 -8.92 -2.92
N ALA A 423 -15.13 -8.24 -3.76
CA ALA A 423 -15.62 -7.79 -5.07
C ALA A 423 -16.09 -8.96 -5.92
N GLN A 424 -15.27 -10.01 -5.98
CA GLN A 424 -15.63 -11.20 -6.76
C GLN A 424 -16.86 -11.87 -6.17
N LEU A 425 -16.91 -12.00 -4.85
CA LEU A 425 -18.04 -12.65 -4.18
C LEU A 425 -19.32 -11.85 -4.30
N SER A 426 -19.23 -10.54 -4.58
CA SER A 426 -20.42 -9.70 -4.59
C SER A 426 -21.40 -10.09 -5.71
N HIS A 427 -20.89 -10.59 -6.83
CA HIS A 427 -21.79 -10.99 -7.93
C HIS A 427 -22.72 -12.12 -7.51
N PRO A 428 -22.23 -13.28 -7.05
CA PRO A 428 -23.17 -14.31 -6.60
C PRO A 428 -23.98 -13.90 -5.39
N ILE A 429 -23.44 -13.08 -4.48
CA ILE A 429 -24.23 -12.64 -3.33
C ILE A 429 -25.49 -11.93 -3.79
N VAL A 430 -25.34 -11.02 -4.75
CA VAL A 430 -26.49 -10.24 -5.21
C VAL A 430 -27.43 -11.12 -6.03
N GLU A 431 -26.87 -12.03 -6.84
CA GLU A 431 -27.71 -12.88 -7.67
C GLU A 431 -28.48 -13.89 -6.83
N ILE A 432 -27.84 -14.42 -5.78
CA ILE A 432 -28.55 -15.33 -4.87
C ILE A 432 -29.80 -14.66 -4.34
N GLY A 433 -29.66 -13.43 -3.84
CA GLY A 433 -30.79 -12.72 -3.28
C GLY A 433 -31.87 -12.39 -4.29
N LYS A 434 -31.49 -12.24 -5.57
CA LYS A 434 -32.49 -11.99 -6.61
C LYS A 434 -33.14 -13.26 -7.14
N SER A 435 -32.63 -14.44 -6.79
CA SER A 435 -33.05 -15.67 -7.46
C SER A 435 -33.61 -16.74 -6.54
N ALA A 436 -33.68 -16.49 -5.23
CA ALA A 436 -34.16 -17.47 -4.26
C ALA A 436 -34.97 -16.77 -3.19
N PRO A 437 -35.91 -17.47 -2.55
CA PRO A 437 -36.63 -16.88 -1.41
C PRO A 437 -35.68 -16.51 -0.28
N ALA A 438 -36.21 -15.73 0.66
CA ALA A 438 -35.37 -14.98 1.60
C ALA A 438 -34.55 -15.90 2.51
N ASP A 439 -35.20 -16.92 3.10
CA ASP A 439 -34.49 -17.76 4.07
C ASP A 439 -33.34 -18.52 3.42
N ALA A 440 -33.60 -19.16 2.28
CA ALA A 440 -32.56 -19.94 1.62
C ALA A 440 -31.47 -19.02 1.08
N ALA A 441 -31.84 -17.87 0.53
CA ALA A 441 -30.84 -16.91 0.07
C ALA A 441 -29.89 -16.53 1.20
N GLU A 442 -30.45 -16.24 2.38
CA GLU A 442 -29.61 -15.82 3.50
C GLU A 442 -28.69 -16.95 3.95
N SER A 443 -29.20 -18.18 4.04
CA SER A 443 -28.36 -19.30 4.43
C SER A 443 -27.26 -19.55 3.42
N SER A 444 -27.59 -19.48 2.12
CA SER A 444 -26.61 -19.72 1.08
C SER A 444 -25.52 -18.66 1.08
N ILE A 445 -25.91 -17.39 1.24
CA ILE A 445 -24.93 -16.32 1.31
C ILE A 445 -24.04 -16.47 2.53
N ARG A 446 -24.63 -16.84 3.68
CA ARG A 446 -23.83 -17.03 4.89
C ARG A 446 -22.80 -18.12 4.69
N LYS A 447 -23.21 -19.24 4.09
CA LYS A 447 -22.26 -20.32 3.83
C LYS A 447 -21.18 -19.87 2.87
N LEU A 448 -21.55 -19.12 1.84
CA LEU A 448 -20.58 -18.64 0.85
C LEU A 448 -19.51 -17.77 1.49
N LEU A 449 -19.88 -17.00 2.52
CA LEU A 449 -18.96 -16.07 3.16
C LEU A 449 -18.21 -16.67 4.35
N VAL A 450 -18.50 -17.93 4.73
CA VAL A 450 -17.74 -18.56 5.80
C VAL A 450 -16.23 -18.52 5.54
N PRO A 451 -15.72 -18.87 4.34
CA PRO A 451 -14.27 -18.74 4.12
C PRO A 451 -13.78 -17.31 4.20
N TYR A 452 -14.58 -16.34 3.75
CA TYR A 452 -14.19 -14.94 3.88
C TYR A 452 -14.08 -14.54 5.34
N ASP A 453 -15.08 -14.92 6.14
CA ASP A 453 -15.03 -14.66 7.58
C ASP A 453 -13.81 -15.32 8.21
N ASP A 454 -13.58 -16.62 7.90
CA ASP A 454 -12.47 -17.35 8.49
C ASP A 454 -11.12 -16.77 8.07
N TYR A 455 -11.00 -16.38 6.79
CA TYR A 455 -9.76 -15.76 6.32
C TYR A 455 -9.48 -14.48 7.07
N CYS A 456 -10.48 -13.61 7.21
CA CYS A 456 -10.27 -12.36 7.95
C CYS A 456 -9.92 -12.63 9.40
N LYS A 457 -10.61 -13.59 10.03
CA LYS A 457 -10.37 -13.90 11.43
C LYS A 457 -8.90 -14.26 11.68
N SER A 458 -8.31 -15.09 10.81
CA SER A 458 -6.92 -15.49 11.00
C SER A 458 -5.92 -14.54 10.35
N LEU A 459 -6.38 -13.58 9.53
CA LEU A 459 -5.44 -12.72 8.81
C LEU A 459 -4.71 -11.76 9.74
N VAL A 460 -5.47 -11.02 10.55
CA VAL A 460 -4.88 -9.96 11.38
C VAL A 460 -3.97 -10.54 12.46
N PRO A 461 -4.34 -11.63 13.16
CA PRO A 461 -3.38 -12.22 14.11
C PRO A 461 -2.08 -12.66 13.45
N ALA A 462 -2.14 -13.21 12.24
CA ALA A 462 -0.90 -13.60 11.56
C ALA A 462 -0.06 -12.37 11.22
N LEU A 463 -0.69 -11.30 10.75
CA LEU A 463 0.03 -10.05 10.51
C LEU A 463 0.55 -9.44 11.81
N GLU A 464 -0.21 -9.59 12.90
CA GLU A 464 0.24 -9.06 14.18
C GLU A 464 1.48 -9.79 14.69
N GLN A 465 1.50 -11.12 14.53
CA GLN A 465 2.70 -11.88 14.88
C GLN A 465 3.86 -11.52 13.97
N MET A 466 3.58 -11.30 12.68
CA MET A 466 4.60 -10.81 11.75
C MET A 466 5.18 -9.48 12.21
N ASN A 467 4.31 -8.56 12.67
CA ASN A 467 4.81 -7.27 13.11
C ASN A 467 5.69 -7.41 14.35
N ARG A 468 5.27 -8.22 15.32
CA ARG A 468 6.06 -8.39 16.53
C ARG A 468 7.39 -9.07 16.23
N PHE A 469 7.39 -10.03 15.32
CA PHE A 469 8.61 -10.71 14.90
C PHE A 469 9.65 -9.71 14.44
N ASN A 470 9.27 -8.82 13.52
CA ASN A 470 10.21 -7.83 13.03
C ASN A 470 10.63 -6.86 14.14
N TYR A 471 9.65 -6.37 14.92
CA TYR A 471 9.97 -5.41 15.98
C TYR A 471 11.00 -5.95 16.95
N VAL A 472 10.81 -7.19 17.43
CA VAL A 472 11.72 -7.70 18.45
C VAL A 472 13.12 -7.90 17.86
N CYS A 473 13.21 -8.29 16.60
CA CYS A 473 14.52 -8.44 15.96
C CYS A 473 15.18 -7.10 15.69
N TYR A 474 14.40 -6.02 15.58
CA TYR A 474 14.99 -4.69 15.42
C TYR A 474 15.75 -4.25 16.67
N ARG A 475 15.67 -5.01 17.76
CA ARG A 475 16.47 -4.73 18.95
C ARG A 475 17.94 -5.13 18.79
N ASP A 476 18.32 -5.73 17.67
CA ASP A 476 19.72 -6.13 17.49
C ASP A 476 20.11 -5.97 16.03
N THR A 477 21.35 -5.52 15.80
CA THR A 477 21.81 -5.25 14.44
C THR A 477 22.17 -6.50 13.64
N ARG A 478 22.13 -7.69 14.25
CA ARG A 478 22.25 -8.92 13.49
C ARG A 478 20.90 -9.60 13.25
N LEU A 479 20.02 -9.61 14.25
CA LEU A 479 18.73 -10.27 14.10
C LEU A 479 17.86 -9.55 13.08
N GLY A 480 17.87 -8.22 13.09
CA GLY A 480 17.10 -7.44 12.15
C GLY A 480 17.27 -7.88 10.71
N PRO A 481 18.50 -7.77 10.17
CA PRO A 481 18.71 -8.13 8.76
C PRO A 481 18.79 -9.62 8.50
N GLN A 482 19.50 -10.36 9.36
CA GLN A 482 19.81 -11.74 9.06
C GLN A 482 18.70 -12.71 9.44
N VAL A 483 17.77 -12.31 10.31
CA VAL A 483 16.66 -13.17 10.69
C VAL A 483 15.35 -12.59 10.17
N ALA A 484 14.95 -11.43 10.69
CA ALA A 484 13.62 -10.90 10.38
C ALA A 484 13.49 -10.52 8.91
N CYS A 485 14.37 -9.66 8.42
CA CYS A 485 14.31 -9.27 7.01
C CYS A 485 14.43 -10.49 6.11
N LEU A 486 15.41 -11.35 6.38
CA LEU A 486 15.63 -12.51 5.54
C LEU A 486 14.37 -13.36 5.43
N TRP A 487 13.74 -13.65 6.57
CA TRP A 487 12.58 -14.52 6.58
C TRP A 487 11.36 -13.87 5.94
N GLN A 488 11.22 -12.55 6.07
CA GLN A 488 10.09 -11.89 5.43
C GLN A 488 10.24 -11.91 3.92
N PHE A 489 11.48 -11.74 3.44
CA PHE A 489 11.71 -11.73 2.00
C PHE A 489 11.58 -13.14 1.42
N PHE A 490 12.14 -14.14 2.09
CA PHE A 490 12.04 -15.50 1.57
C PHE A 490 10.61 -16.01 1.59
N ALA A 491 9.93 -15.86 2.72
CA ALA A 491 8.57 -16.36 2.83
C ALA A 491 7.59 -15.55 1.99
N GLY A 492 7.85 -14.26 1.82
CA GLY A 492 6.84 -13.38 1.26
C GLY A 492 7.04 -12.93 -0.18
N ILE A 493 8.16 -13.31 -0.81
CA ILE A 493 8.36 -12.91 -2.19
C ILE A 493 7.29 -13.56 -3.06
N GLU A 494 6.81 -12.81 -4.04
CA GLU A 494 5.58 -13.13 -4.76
C GLU A 494 5.89 -14.06 -5.93
N ARG A 495 6.05 -15.34 -5.61
CA ARG A 495 6.35 -16.34 -6.63
C ARG A 495 5.18 -16.48 -7.60
N TYR A 496 5.49 -16.54 -8.89
CA TYR A 496 4.52 -16.75 -9.97
C TYR A 496 3.54 -15.57 -10.10
N LEU A 497 3.96 -14.38 -9.70
CA LEU A 497 3.11 -13.20 -9.85
C LEU A 497 2.84 -12.90 -11.32
N SER A 498 3.78 -13.24 -12.22
CA SER A 498 3.61 -12.98 -13.64
C SER A 498 2.50 -13.79 -14.28
N ASP A 499 1.92 -14.77 -13.57
CA ASP A 499 0.83 -15.57 -14.09
C ASP A 499 -0.54 -15.06 -13.66
N VAL A 500 -0.59 -14.10 -12.73
CA VAL A 500 -1.85 -13.64 -12.17
C VAL A 500 -2.61 -12.81 -13.20
N ASN A 501 -3.93 -12.98 -13.22
CA ASN A 501 -4.83 -12.19 -14.05
C ASN A 501 -6.02 -11.76 -13.20
N ILE A 502 -6.92 -10.98 -13.81
CA ILE A 502 -8.10 -10.50 -13.09
C ILE A 502 -8.85 -11.65 -12.45
N GLU A 503 -8.92 -12.79 -13.16
CA GLU A 503 -9.73 -13.90 -12.68
C GLU A 503 -9.10 -14.57 -11.46
N THR A 504 -7.78 -14.71 -11.44
CA THR A 504 -7.12 -15.38 -10.32
C THR A 504 -6.64 -14.40 -9.23
N PHE A 505 -6.83 -13.10 -9.40
CA PHE A 505 -6.15 -12.15 -8.52
C PHE A 505 -6.52 -12.35 -7.06
N ALA A 506 -7.82 -12.36 -6.75
CA ALA A 506 -8.23 -12.48 -5.35
C ALA A 506 -7.75 -13.79 -4.74
N HIS A 507 -7.84 -14.89 -5.50
CA HIS A 507 -7.40 -16.19 -5.00
C HIS A 507 -5.89 -16.20 -4.72
N TYR A 508 -5.10 -15.62 -5.63
CA TYR A 508 -3.67 -15.48 -5.38
C TYR A 508 -3.40 -14.59 -4.17
N ALA A 509 -4.09 -13.44 -4.09
CA ALA A 509 -3.80 -12.48 -3.03
C ALA A 509 -4.05 -13.07 -1.64
N ILE A 510 -5.15 -13.80 -1.48
CA ILE A 510 -5.45 -14.35 -0.15
C ILE A 510 -4.46 -15.44 0.25
N LYS A 511 -3.74 -16.02 -0.72
CA LYS A 511 -2.73 -17.03 -0.44
C LYS A 511 -1.36 -16.41 -0.13
N TRP A 512 -1.24 -15.10 -0.23
CA TRP A 512 0.06 -14.43 -0.07
C TRP A 512 0.32 -14.14 1.41
N VAL A 513 -0.41 -13.18 1.98
CA VAL A 513 -0.31 -12.81 3.39
C VAL A 513 1.14 -12.42 3.75
N TRP A 514 1.87 -11.88 2.78
CA TRP A 514 3.27 -11.51 2.98
C TRP A 514 4.11 -12.69 3.47
N GLY A 515 3.67 -13.91 3.21
CA GLY A 515 4.36 -15.08 3.72
C GLY A 515 4.18 -15.34 5.20
N ALA A 516 3.31 -14.57 5.89
CA ALA A 516 3.18 -14.68 7.34
C ALA A 516 2.49 -15.96 7.78
N MET A 517 1.91 -16.73 6.86
CA MET A 517 1.32 -18.02 7.18
C MET A 517 2.29 -19.18 6.93
N VAL A 518 3.48 -18.91 6.42
CA VAL A 518 4.41 -20.00 6.11
C VAL A 518 4.87 -20.65 7.40
N PRO A 519 4.76 -21.98 7.53
CA PRO A 519 5.08 -22.65 8.81
C PRO A 519 6.47 -22.32 9.35
N GLU A 520 7.52 -22.43 8.53
CA GLU A 520 8.86 -22.16 9.03
C GLU A 520 9.03 -20.70 9.44
N TYR A 521 8.33 -19.79 8.76
CA TYR A 521 8.31 -18.39 9.18
C TYR A 521 7.75 -18.26 10.59
N GLN A 522 6.58 -18.87 10.83
CA GLN A 522 5.97 -18.80 12.16
C GLN A 522 6.84 -19.49 13.20
N GLN A 523 7.54 -20.57 12.81
CA GLN A 523 8.40 -21.27 13.75
C GLN A 523 9.54 -20.38 14.23
N VAL A 524 10.21 -19.69 13.30
CA VAL A 524 11.30 -18.80 13.68
C VAL A 524 10.76 -17.57 14.42
N ALA A 525 9.62 -17.04 13.96
CA ALA A 525 9.04 -15.86 14.61
C ALA A 525 8.69 -16.16 16.06
N GLN A 526 8.11 -17.33 16.34
CA GLN A 526 7.72 -17.64 17.70
C GLN A 526 8.92 -17.87 18.61
N LYS A 527 10.00 -18.44 18.08
CA LYS A 527 11.21 -18.59 18.88
C LYS A 527 11.79 -17.24 19.27
N CYS A 528 11.85 -16.29 18.34
CA CYS A 528 12.44 -14.99 18.63
C CYS A 528 11.57 -14.19 19.59
N ILE A 529 10.26 -14.16 19.34
CA ILE A 529 9.35 -13.40 20.20
C ILE A 529 9.38 -13.96 21.62
N GLU A 530 9.30 -15.28 21.74
CA GLU A 530 9.32 -15.92 23.06
C GLU A 530 10.58 -15.59 23.83
N HIS A 531 11.72 -15.45 23.15
CA HIS A 531 12.96 -15.11 23.83
C HIS A 531 13.04 -13.61 24.14
N ILE A 532 12.83 -12.79 23.11
CA ILE A 532 13.15 -11.36 23.22
C ILE A 532 12.15 -10.63 24.12
N GLU A 533 10.88 -11.04 24.11
CA GLU A 533 9.89 -10.37 24.94
C GLU A 533 10.17 -10.51 26.43
N THR A 534 11.04 -11.43 26.84
CA THR A 534 11.42 -11.56 28.25
C THR A 534 12.51 -10.59 28.67
N VAL A 535 13.08 -9.84 27.74
CA VAL A 535 14.15 -8.88 28.04
C VAL A 535 13.51 -7.48 28.06
N PRO A 536 13.58 -6.76 29.17
CA PRO A 536 12.97 -5.42 29.22
C PRO A 536 13.50 -4.52 28.11
N LEU A 537 12.61 -3.67 27.59
CA LEU A 537 12.95 -2.87 26.42
C LEU A 537 14.18 -1.99 26.65
N ASP A 538 14.37 -1.50 27.89
CA ASP A 538 15.49 -0.62 28.18
C ASP A 538 16.80 -1.36 28.33
N GLU A 539 16.84 -2.67 28.09
CA GLU A 539 18.06 -3.44 28.17
C GLU A 539 18.49 -3.91 26.78
N ARG A 540 19.79 -4.13 26.64
CA ARG A 540 20.35 -4.73 25.42
C ARG A 540 20.12 -6.24 25.44
N LEU A 541 19.87 -6.82 24.27
CA LEU A 541 19.77 -8.27 24.19
C LEU A 541 21.10 -8.91 24.56
N PRO A 542 21.12 -9.93 25.42
CA PRO A 542 22.38 -10.65 25.67
C PRO A 542 22.91 -11.23 24.38
N ASP A 543 24.24 -11.15 24.22
CA ASP A 543 24.86 -11.63 22.99
C ASP A 543 24.62 -13.13 22.79
N ALA A 544 24.50 -13.89 23.88
CA ALA A 544 24.21 -15.32 23.74
C ALA A 544 22.81 -15.56 23.19
N MET A 545 21.84 -14.71 23.55
CA MET A 545 20.50 -14.85 22.99
C MET A 545 20.52 -14.59 21.48
N VAL A 546 21.24 -13.56 21.04
CA VAL A 546 21.35 -13.29 19.61
C VAL A 546 21.99 -14.48 18.89
N ASP A 547 23.13 -14.95 19.42
CA ASP A 547 23.79 -16.13 18.85
C ASP A 547 22.82 -17.28 18.67
N GLU A 548 22.09 -17.62 19.72
CA GLU A 548 21.20 -18.78 19.68
C GLU A 548 20.07 -18.59 18.68
N LEU A 549 19.46 -17.39 18.66
CA LEU A 549 18.36 -17.16 17.73
C LEU A 549 18.86 -17.15 16.29
N LEU A 550 20.05 -16.60 16.06
CA LEU A 550 20.63 -16.61 14.72
C LEU A 550 20.93 -18.02 14.24
N ALA A 551 21.51 -18.85 15.10
CA ALA A 551 21.80 -20.23 14.71
C ALA A 551 20.52 -21.02 14.48
N PHE A 552 19.49 -20.78 15.29
CA PHE A 552 18.20 -21.44 15.07
C PHE A 552 17.59 -21.03 13.75
N SER A 553 17.57 -19.73 13.48
CA SER A 553 16.97 -19.23 12.24
C SER A 553 17.68 -19.78 11.01
N ASN A 554 19.02 -19.79 11.04
CA ASN A 554 19.78 -20.24 9.88
C ASN A 554 19.59 -21.73 9.62
N ARG A 555 19.44 -22.54 10.68
CA ARG A 555 19.22 -23.97 10.49
C ARG A 555 17.87 -24.24 9.84
N ILE A 556 16.82 -23.58 10.32
CA ILE A 556 15.51 -23.72 9.70
C ILE A 556 15.53 -23.18 8.29
N LYS A 557 16.30 -22.11 8.05
CA LYS A 557 16.32 -21.45 6.74
C LYS A 557 16.88 -22.37 5.67
N SER A 558 18.02 -23.01 5.94
CA SER A 558 18.69 -23.78 4.91
C SER A 558 17.82 -24.93 4.40
N ALA A 559 17.04 -25.55 5.29
CA ALA A 559 16.13 -26.60 4.86
C ALA A 559 14.94 -26.04 4.08
N ALA A 560 14.38 -24.91 4.54
CA ALA A 560 13.25 -24.33 3.83
C ALA A 560 13.66 -23.81 2.45
N VAL A 561 14.86 -23.23 2.35
CA VAL A 561 15.35 -22.74 1.07
C VAL A 561 15.63 -23.90 0.14
N ALA A 562 16.22 -24.99 0.66
CA ALA A 562 16.49 -26.16 -0.18
C ALA A 562 15.20 -26.80 -0.68
N ALA A 563 14.12 -26.70 0.09
CA ALA A 563 12.85 -27.29 -0.30
C ALA A 563 12.10 -26.45 -1.34
N ASP A 564 12.45 -25.18 -1.49
CA ASP A 564 11.76 -24.33 -2.46
C ASP A 564 12.24 -24.65 -3.87
N ASP A 565 11.30 -24.76 -4.81
CA ASP A 565 11.61 -25.07 -6.19
C ASP A 565 11.61 -23.86 -7.10
N PHE A 566 11.40 -22.66 -6.56
CA PHE A 566 11.35 -21.45 -7.37
C PHE A 566 12.76 -20.94 -7.63
N SER A 567 13.08 -20.73 -8.92
CA SER A 567 14.41 -20.26 -9.30
C SER A 567 14.49 -18.75 -9.19
N LEU A 568 15.52 -18.27 -8.50
CA LEU A 568 15.64 -16.84 -8.19
C LEU A 568 17.10 -16.50 -8.00
N ARG A 569 17.56 -15.44 -8.69
CA ARG A 569 18.92 -14.93 -8.51
C ARG A 569 18.98 -14.14 -7.20
N TRP A 570 18.98 -14.90 -6.09
CA TRP A 570 18.92 -14.29 -4.77
C TRP A 570 20.08 -13.32 -4.54
N ASP A 571 21.27 -13.66 -5.05
CA ASP A 571 22.43 -12.80 -4.86
C ASP A 571 22.33 -11.50 -5.64
N ALA A 572 21.52 -11.45 -6.70
CA ALA A 572 21.29 -10.21 -7.43
C ALA A 572 20.28 -9.30 -6.73
N ILE A 573 19.34 -9.88 -6.00
CA ILE A 573 18.24 -9.13 -5.40
C ILE A 573 18.61 -8.62 -4.02
N LEU A 574 19.33 -9.41 -3.22
CA LEU A 574 19.73 -9.05 -1.87
C LEU A 574 21.23 -8.79 -1.86
N ARG A 575 21.63 -7.58 -1.47
CA ARG A 575 23.04 -7.21 -1.55
C ARG A 575 23.90 -8.05 -0.62
N SER A 576 23.36 -8.47 0.53
CA SER A 576 24.17 -9.08 1.57
C SER A 576 24.13 -10.62 1.55
N PHE A 577 23.49 -11.22 0.55
CA PHE A 577 23.29 -12.67 0.55
C PHE A 577 23.71 -13.28 -0.78
N ASP A 578 24.11 -14.56 -0.72
CA ASP A 578 24.52 -15.29 -1.91
C ASP A 578 23.30 -15.98 -2.53
N ARG A 579 23.53 -16.84 -3.52
CA ARG A 579 22.43 -17.49 -4.23
C ARG A 579 21.60 -18.38 -3.31
N SER A 580 22.23 -19.02 -2.33
CA SER A 580 21.53 -19.90 -1.40
C SER A 580 21.03 -19.17 -0.16
N LEU A 581 20.94 -17.84 -0.22
CA LEU A 581 20.47 -17.00 0.90
C LEU A 581 21.33 -17.16 2.15
N ASN A 582 22.63 -17.38 1.97
CA ASN A 582 23.57 -17.31 3.08
C ASN A 582 24.09 -15.89 3.22
N PHE A 583 24.25 -15.44 4.46
CA PHE A 583 24.75 -14.10 4.71
C PHE A 583 26.23 -14.02 4.33
N VAL A 584 26.59 -12.96 3.61
CA VAL A 584 27.98 -12.71 3.20
C VAL A 584 28.41 -11.36 3.75
N GLU A 585 29.46 -11.37 4.57
CA GLU A 585 29.76 -10.22 5.42
C GLU A 585 29.99 -8.93 4.62
N GLY A 586 30.88 -8.98 3.63
CA GLY A 586 31.26 -7.77 2.91
C GLY A 586 30.67 -7.61 1.53
N LYS A 587 29.66 -8.39 1.17
CA LYS A 587 29.17 -8.38 -0.21
C LYS A 587 28.47 -7.06 -0.53
N THR A 588 28.78 -6.52 -1.72
CA THR A 588 28.17 -5.28 -2.18
C THR A 588 27.53 -5.41 -3.56
N SER A 589 27.63 -6.56 -4.23
CA SER A 589 27.13 -6.70 -5.58
C SER A 589 25.62 -6.94 -5.58
N ARG A 590 24.95 -6.35 -6.57
CA ARG A 590 23.50 -6.44 -6.74
C ARG A 590 23.14 -5.89 -8.11
N ASP A 591 21.94 -6.24 -8.57
CA ASP A 591 21.42 -5.63 -9.79
C ASP A 591 21.19 -4.14 -9.58
N ILE A 592 21.21 -3.38 -10.67
CA ILE A 592 20.93 -1.96 -10.65
C ILE A 592 19.85 -1.67 -11.70
N TYR A 593 18.69 -1.20 -11.23
CA TYR A 593 17.53 -0.99 -12.09
C TYR A 593 17.13 0.47 -12.23
N THR A 594 17.72 1.37 -11.44
CA THR A 594 17.25 2.75 -11.38
C THR A 594 18.44 3.70 -11.40
N ARG A 595 18.13 4.98 -11.64
CA ARG A 595 19.10 6.06 -11.56
C ARG A 595 18.34 7.35 -11.23
N GLN A 596 19.07 8.32 -10.73
CA GLN A 596 18.52 9.62 -10.37
C GLN A 596 18.70 10.60 -11.51
N CYS A 597 17.64 11.31 -11.88
CA CYS A 597 17.75 12.35 -12.89
C CYS A 597 18.67 13.45 -12.39
N SER A 598 19.68 13.79 -13.19
CA SER A 598 20.61 14.83 -12.79
C SER A 598 19.96 16.20 -12.77
N GLY A 599 18.86 16.39 -13.49
CA GLY A 599 18.18 17.66 -13.55
C GLY A 599 17.28 17.94 -12.36
N CYS A 600 16.37 17.02 -12.06
CA CYS A 600 15.34 17.26 -11.05
C CYS A 600 15.46 16.36 -9.82
N GLY A 601 16.32 15.34 -9.86
CA GLY A 601 16.48 14.44 -8.74
C GLY A 601 15.52 13.28 -8.68
N ALA A 602 14.55 13.20 -9.60
CA ALA A 602 13.59 12.10 -9.56
C ALA A 602 14.23 10.79 -9.95
N TRP A 603 13.83 9.72 -9.25
CA TRP A 603 14.36 8.40 -9.55
C TRP A 603 13.61 7.78 -10.74
N LEU A 604 14.38 7.14 -11.62
CA LEU A 604 13.89 6.67 -12.91
C LEU A 604 14.19 5.19 -13.08
N GLN A 605 13.31 4.51 -13.82
CA GLN A 605 13.55 3.13 -14.21
C GLN A 605 14.40 3.08 -15.47
N LEU A 606 15.39 2.19 -15.49
CA LEU A 606 16.28 2.03 -16.62
C LEU A 606 15.65 1.07 -17.64
N ARG A 607 15.39 1.57 -18.84
CA ARG A 607 14.93 0.74 -19.96
C ARG A 607 15.17 1.52 -21.23
N PRO A 608 15.54 0.84 -22.33
CA PRO A 608 16.05 1.58 -23.50
C PRO A 608 15.03 2.46 -24.20
N ASP A 609 13.73 2.22 -24.01
CA ASP A 609 12.71 3.04 -24.66
C ASP A 609 12.31 4.25 -23.83
N TRP A 610 12.84 4.41 -22.62
CA TRP A 610 12.60 5.60 -21.78
C TRP A 610 13.90 6.39 -21.73
N LYS A 611 14.14 7.20 -22.77
CA LYS A 611 15.36 8.00 -22.80
C LYS A 611 15.25 9.26 -21.95
N LYS A 612 14.04 9.78 -21.74
CA LYS A 612 13.84 11.03 -21.02
C LYS A 612 13.31 10.77 -19.61
N CYS A 613 13.67 11.66 -18.70
CA CYS A 613 13.09 11.63 -17.35
C CYS A 613 11.58 11.78 -17.43
N HIS A 614 10.86 10.86 -16.77
CA HIS A 614 9.41 10.90 -16.81
C HIS A 614 8.84 12.02 -15.94
N SER A 615 9.66 12.64 -15.08
CA SER A 615 9.19 13.65 -14.16
C SER A 615 9.39 15.07 -14.67
N CYS A 616 10.55 15.38 -15.25
CA CYS A 616 10.84 16.71 -15.75
C CYS A 616 11.10 16.77 -17.24
N GLY A 617 11.22 15.63 -17.93
CA GLY A 617 11.41 15.62 -19.36
C GLY A 617 12.85 15.70 -19.83
N LEU A 618 13.80 15.88 -18.92
CA LEU A 618 15.20 16.02 -19.33
C LEU A 618 15.69 14.72 -19.97
N LEU A 619 16.33 14.86 -21.13
CA LEU A 619 16.83 13.72 -21.87
C LEU A 619 18.12 13.20 -21.24
N GLY A 620 18.18 11.89 -21.02
CA GLY A 620 19.40 11.26 -20.54
C GLY A 620 20.25 10.72 -21.66
N THR A 621 21.54 10.52 -21.37
CA THR A 621 22.53 10.10 -22.36
C THR A 621 22.96 8.67 -22.05
N GLU A 622 22.27 7.70 -22.67
CA GLU A 622 22.52 6.26 -22.78
C GLU A 622 22.73 5.44 -21.50
N PRO A 623 22.12 5.76 -20.36
CA PRO A 623 22.16 4.81 -19.23
C PRO A 623 20.92 3.94 -19.12
N GLN A 624 20.08 3.91 -20.15
CA GLN A 624 18.77 3.27 -20.07
C GLN A 624 18.87 1.78 -20.37
N THR A 625 19.57 1.42 -21.45
CA THR A 625 19.93 0.02 -21.64
C THR A 625 20.94 -0.45 -20.60
N ALA A 626 21.43 0.47 -19.76
CA ALA A 626 22.45 0.17 -18.76
C ALA A 626 21.87 -0.38 -17.46
N VAL A 627 20.80 -1.19 -17.53
CA VAL A 627 20.50 -2.06 -16.40
C VAL A 627 21.72 -2.91 -16.15
N THR A 628 22.18 -2.94 -14.90
CA THR A 628 23.33 -3.75 -14.51
C THR A 628 22.82 -5.04 -13.89
N PHE A 629 23.09 -6.17 -14.54
CA PHE A 629 22.82 -7.48 -13.98
C PHE A 629 24.11 -8.02 -13.38
N ASP A 630 24.11 -8.25 -12.06
CA ASP A 630 25.26 -8.79 -11.36
C ASP A 630 24.78 -9.86 -10.40
N PRO A 631 25.05 -11.15 -10.67
CA PRO A 631 25.85 -11.67 -11.79
C PRO A 631 25.19 -11.45 -13.16
N PRO A 632 26.01 -11.44 -14.22
CA PRO A 632 25.50 -11.08 -15.55
C PRO A 632 24.43 -12.03 -16.06
N LEU A 633 23.59 -11.51 -16.95
CA LEU A 633 22.69 -12.31 -17.76
C LEU A 633 23.10 -12.20 -19.22
N THR A 634 22.89 -13.27 -19.97
CA THR A 634 23.09 -13.20 -21.40
C THR A 634 22.00 -12.35 -22.04
N ALA A 635 22.19 -12.01 -23.31
CA ALA A 635 21.15 -11.32 -24.07
C ALA A 635 19.88 -12.17 -24.13
N GLU A 636 20.04 -13.49 -24.27
CA GLU A 636 18.89 -14.38 -24.32
C GLU A 636 18.18 -14.46 -22.97
N GLU A 637 18.94 -14.58 -21.88
CA GLU A 637 18.33 -14.61 -20.55
C GLU A 637 17.60 -13.31 -20.24
N GLU A 638 18.18 -12.18 -20.63
CA GLU A 638 17.52 -10.90 -20.41
C GLU A 638 16.23 -10.80 -21.22
N ALA A 639 16.28 -11.22 -22.49
CA ALA A 639 15.08 -11.22 -23.32
C ALA A 639 14.01 -12.12 -22.75
N LEU A 640 14.40 -13.29 -22.24
CA LEU A 640 13.45 -14.22 -21.66
C LEU A 640 12.77 -13.63 -20.41
N LEU A 641 13.54 -12.91 -19.59
CA LEU A 641 12.97 -12.29 -18.40
C LEU A 641 11.88 -11.29 -18.78
N TYR A 642 12.18 -10.40 -19.74
CA TYR A 642 11.21 -9.38 -20.13
C TYR A 642 9.98 -10.00 -20.80
N ALA A 643 10.17 -11.11 -21.52
CA ALA A 643 9.06 -11.75 -22.21
C ALA A 643 8.04 -12.31 -21.23
N ALA A 644 8.50 -12.78 -20.07
CA ALA A 644 7.60 -13.37 -19.08
C ALA A 644 6.68 -12.33 -18.45
N TRP A 645 7.04 -11.05 -18.50
CA TRP A 645 6.32 -10.00 -17.80
C TRP A 645 5.63 -9.03 -18.75
N ASN A 646 5.55 -9.35 -20.04
CA ASN A 646 4.94 -8.46 -21.00
C ASN A 646 3.44 -8.31 -20.74
N THR A 647 2.69 -9.40 -20.92
CA THR A 647 1.25 -9.38 -20.75
C THR A 647 0.81 -10.58 -19.92
N ALA A 648 -0.10 -10.35 -18.99
CA ALA A 648 -0.60 -11.42 -18.14
C ALA A 648 -1.33 -12.45 -19.01
N PRO A 649 -1.25 -13.73 -18.67
CA PRO A 649 -1.90 -14.75 -19.50
C PRO A 649 -3.40 -14.70 -19.39
N LYS A 650 -4.07 -15.19 -20.43
CA LYS A 650 -5.52 -15.26 -20.42
C LYS A 650 -5.99 -16.20 -19.31
N TYR A 651 -7.23 -15.99 -18.87
CA TYR A 651 -7.83 -16.86 -17.89
C TYR A 651 -8.00 -18.26 -18.46
N ASP A 652 -7.50 -19.26 -17.73
CA ASP A 652 -7.62 -20.66 -18.12
C ASP A 652 -8.28 -21.42 -16.97
N PRO A 653 -9.59 -21.70 -17.04
CA PRO A 653 -10.26 -22.35 -15.90
C PRO A 653 -9.75 -23.75 -15.59
N SER A 654 -8.87 -24.31 -16.41
CA SER A 654 -8.30 -25.63 -16.15
C SER A 654 -6.96 -25.59 -15.45
N LYS A 655 -6.19 -24.51 -15.61
CA LYS A 655 -4.90 -24.40 -14.95
C LYS A 655 -5.09 -24.14 -13.45
N GLU A 656 -4.27 -24.78 -12.64
CA GLU A 656 -4.33 -24.57 -11.21
C GLU A 656 -3.42 -23.41 -10.83
N LEU A 657 -3.86 -22.64 -9.84
CA LEU A 657 -3.11 -21.48 -9.40
C LEU A 657 -1.81 -21.90 -8.72
N LYS A 658 -0.70 -21.31 -9.18
CA LYS A 658 0.59 -21.48 -8.52
C LYS A 658 0.73 -20.45 -7.41
N LEU A 659 1.08 -20.92 -6.22
CA LEU A 659 1.05 -20.12 -5.01
C LEU A 659 2.31 -19.24 -4.87
N PRO A 660 2.19 -18.08 -4.22
CA PRO A 660 3.37 -17.22 -4.02
C PRO A 660 4.35 -17.74 -2.98
N THR A 661 3.92 -18.59 -2.06
CA THR A 661 4.71 -19.02 -0.92
C THR A 661 5.69 -20.13 -1.32
N PRO A 662 6.70 -20.40 -0.47
CA PRO A 662 7.70 -21.43 -0.83
C PRO A 662 7.08 -22.80 -0.96
N THR A 663 7.73 -23.65 -1.76
CA THR A 663 7.29 -25.03 -1.93
C THR A 663 7.41 -25.79 -0.61
N ARG A 664 6.39 -26.60 -0.32
CA ARG A 664 6.40 -27.41 0.88
C ARG A 664 7.44 -28.52 0.75
N PRO A 665 8.03 -28.96 1.86
CA PRO A 665 8.92 -30.12 1.82
C PRO A 665 8.14 -31.40 1.58
N ALA A 666 8.85 -32.42 1.11
CA ALA A 666 8.24 -33.71 0.78
C ALA A 666 7.80 -34.47 2.03
PA FAD B . -9.42 4.80 4.50
O1A FAD B . -8.42 5.09 3.41
O2A FAD B . -9.19 5.30 5.91
O5B FAD B . -10.83 5.35 3.99
C5B FAD B . -12.02 5.28 4.77
C4B FAD B . -12.98 6.28 4.15
O4B FAD B . -14.30 6.19 4.69
C3B FAD B . -12.51 7.71 4.38
O3B FAD B . -12.23 8.28 3.09
C2B FAD B . -13.67 8.39 5.09
O2B FAD B . -13.87 9.74 4.64
C1B FAD B . -14.84 7.50 4.71
N9A FAD B . -15.98 7.53 5.65
C8A FAD B . -15.94 7.38 6.99
N7A FAD B . -17.20 7.45 7.51
C5A FAD B . -18.05 7.65 6.49
C6A FAD B . -19.52 7.81 6.34
N6A FAD B . -20.34 7.79 7.41
N1A FAD B . -20.00 8.01 5.08
C2A FAD B . -19.20 8.04 4.01
N3A FAD B . -17.86 7.90 4.08
C4A FAD B . -17.24 7.71 5.28
N1 FAD B . -0.41 0.97 4.25
C2 FAD B . 0.39 0.72 3.20
O2 FAD B . -0.01 -0.07 2.32
N3 FAD B . 1.62 1.26 3.06
C4 FAD B . 2.13 2.11 3.97
O4 FAD B . 3.28 2.59 3.82
C4X FAD B . 1.33 2.43 5.17
N5 FAD B . 1.76 3.28 6.13
C5X FAD B . 0.98 3.56 7.21
C6 FAD B . 1.45 4.41 8.20
C7 FAD B . 0.67 4.70 9.30
C7M FAD B . 1.20 5.64 10.37
C8 FAD B . -0.68 4.11 9.43
C8M FAD B . -1.52 4.43 10.63
C9 FAD B . -1.16 3.25 8.45
C9A FAD B . -0.37 2.95 7.35
N10 FAD B . -0.84 2.08 6.33
C10 FAD B . -0.02 1.81 5.25
C1' FAD B . -2.17 1.49 6.40
C2' FAD B . -3.08 2.32 5.48
O2' FAD B . -3.02 3.70 5.87
C3' FAD B . -4.52 1.83 5.51
O3' FAD B . -4.52 0.40 5.46
C4' FAD B . -5.38 2.31 4.34
O4' FAD B . -5.38 3.75 4.23
C5' FAD B . -6.80 1.80 4.53
O5' FAD B . -7.65 2.27 3.49
P FAD B . -9.25 2.09 3.57
O1P FAD B . -9.82 2.46 2.23
O2P FAD B . -9.60 0.77 4.22
O3P FAD B . -9.69 3.21 4.64
CD CD C . -12.34 23.66 -24.14
CD CD D . 17.42 -20.06 25.00
CD CD E . 28.58 -14.04 19.94
CD CD F . 19.21 -0.62 -0.74
ZN ZN G . 14.11 14.93 -14.23
S SO4 H . 1.83 6.95 25.11
O1 SO4 H . 0.79 7.69 25.83
O2 SO4 H . 2.90 6.58 26.04
O3 SO4 H . 1.24 5.74 24.53
O4 SO4 H . 2.37 7.79 24.06
S SO4 I . 19.31 19.73 -2.63
O1 SO4 I . 19.78 20.97 -3.24
O2 SO4 I . 19.22 19.90 -1.18
O3 SO4 I . 20.26 18.66 -2.93
O4 SO4 I . 18.00 19.40 -3.18
S SO4 J . -10.23 0.14 22.58
O1 SO4 J . -10.80 1.38 22.04
O2 SO4 J . -8.77 0.26 22.63
O3 SO4 J . -10.75 -0.09 23.92
O4 SO4 J . -10.62 -0.97 21.71
S SO4 K . 8.13 17.15 -21.58
O1 SO4 K . 8.23 18.26 -22.51
O2 SO4 K . 8.62 17.55 -20.27
O3 SO4 K . 8.92 16.02 -22.07
O4 SO4 K . 6.73 16.73 -21.48
S SO4 L . -32.13 5.36 -10.48
O1 SO4 L . -32.23 6.70 -9.89
O2 SO4 L . -30.83 5.21 -11.14
O3 SO4 L . -32.25 4.34 -9.43
O4 SO4 L . -33.20 5.19 -11.46
S SO4 M . 5.35 -2.30 -21.88
O1 SO4 M . 4.30 -2.29 -20.86
O2 SO4 M . 6.27 -1.19 -21.63
O3 SO4 M . 6.08 -3.57 -21.82
O4 SO4 M . 4.75 -2.13 -23.20
S SO4 N . -1.69 18.46 20.37
O1 SO4 N . -1.65 19.58 19.42
O2 SO4 N . -0.54 18.53 21.26
O3 SO4 N . -2.91 18.52 21.15
O4 SO4 N . -1.63 17.20 19.62
S SO4 O . -8.42 -23.37 -1.75
O1 SO4 O . -7.09 -23.47 -2.34
O2 SO4 O . -8.37 -22.50 -0.59
O3 SO4 O . -8.86 -24.70 -1.33
O4 SO4 O . -9.35 -22.82 -2.75
S SO4 P . 0.80 26.28 12.47
O1 SO4 P . 1.10 27.32 11.49
O2 SO4 P . 0.63 26.87 13.79
O3 SO4 P . 1.88 25.30 12.52
O4 SO4 P . -0.44 25.60 12.09
S SO4 Q . -7.46 9.33 14.49
O1 SO4 Q . -7.85 9.29 15.90
O2 SO4 Q . -6.03 9.66 14.40
O3 SO4 Q . -7.70 8.03 13.87
O4 SO4 Q . -8.23 10.36 13.79
CL CL R . 7.02 -1.62 2.00
N MB5 S . 12.66 -8.57 -9.32
C MB5 S . 12.43 -9.10 -10.53
O MB5 S . 12.88 -8.62 -11.56
C1 MB5 S . 11.54 -10.33 -10.49
C10 MB5 S . 10.91 -8.34 -1.69
C11 MB5 S . 9.89 -8.81 -2.50
C12 MB5 S . 10.14 -8.91 -3.86
C13 MB5 S . 10.02 -9.23 -6.08
C14 MB5 S . 9.46 -9.63 -7.42
C15 MB5 S . 9.17 -11.13 -7.38
C16 MB5 S . 8.12 -8.90 -7.62
C17 MB5 S . 12.53 -10.71 -8.25
C18 MB5 S . 13.24 -11.84 -10.36
C19 MB5 S . 12.57 -12.15 -11.68
C2 MB5 S . 10.19 -9.87 -9.89
C20 MB5 S . 11.47 -11.11 -11.81
C3 MB5 S . 10.47 -9.21 -8.53
C4 MB5 S . 12.01 -9.26 -8.20
C5 MB5 S . 12.29 -8.48 -6.89
C6 MB5 S . 11.28 -8.75 -5.83
C7 MB5 S . 11.38 -8.54 -4.42
C8 MB5 S . 12.37 -8.07 -3.57
C9 MB5 S . 12.14 -7.96 -2.21
N1 MB5 S . 9.32 -9.33 -4.89
N2 MB5 S . 12.15 -11.28 -9.54
CL MB5 S . 10.63 -8.20 0.03
N MB5 T . -12.12 -23.14 -8.92
C MB5 T . -11.80 -24.18 -9.70
O MB5 T . -12.40 -24.47 -10.71
C1 MB5 T . -10.58 -24.95 -9.17
C10 MB5 T . -10.30 -18.89 -2.60
C11 MB5 T . -9.99 -20.23 -2.49
C12 MB5 T . -10.31 -21.07 -3.55
C13 MB5 T . -10.64 -22.79 -4.95
C14 MB5 T . -10.63 -24.20 -5.49
C15 MB5 T . -9.17 -24.68 -5.55
C16 MB5 T . -11.37 -25.11 -4.50
C17 MB5 T . -9.85 -22.73 -8.36
C18 MB5 T . -9.06 -23.82 -10.45
C19 MB5 T . -8.99 -25.24 -10.97
C2 MB5 T . -10.93 -25.45 -7.75
C20 MB5 T . -10.05 -26.00 -10.16
C3 MB5 T . -11.32 -24.23 -6.89
C4 MB5 T . -11.25 -22.91 -7.76
C5 MB5 T . -11.79 -21.74 -6.93
C6 MB5 T . -11.14 -21.69 -5.59
C7 MB5 T . -10.94 -20.58 -4.71
C8 MB5 T . -11.23 -19.21 -4.78
C9 MB5 T . -10.91 -18.37 -3.74
N1 MB5 T . -10.13 -22.43 -3.72
N2 MB5 T . -9.48 -23.97 -9.05
CL MB5 T . -9.93 -17.82 -1.27
#